data_6FNT
#
_entry.id   6FNT
#
_cell.length_a   71.768
_cell.length_b   77.535
_cell.length_c   139.045
_cell.angle_alpha   90.000
_cell.angle_beta   90.000
_cell.angle_gamma   90.000
#
_symmetry.space_group_name_H-M   'P 21 21 21'
#
loop_
_entity.id
_entity.type
_entity.pdbx_description
1 polymer 'Histidine N-alpha-methyltransferase'
2 non-polymer Pyrrolidinohistidine
3 water water
#
_entity_poly.entity_id   1
_entity_poly.type   'polypeptide(L)'
_entity_poly.pdbx_seq_one_letter_code
;GHMALSLANYLAADSAAEALRRDVRAGLTATQKSLPPKWFYDAVGSDLFDQITRLPEYYPTRTEAQILRTRSAEIISAAG
ADTLVELGSGTSEKTRMLLDAMRDAELLRRFIPFDVDAGVLRSAGAAIGAEYPGIEIDAVCGDFEEHLGKIPHVGRRLVV
FLGSTIGNLTPAPRAEFLSTLADTLQPGDSLLLGTDLVKDTGRLVRAYDDAAGVTAAFNRNVLAVVNRELSADFDLDAFE
HVAKWNSDEERIEMWLRARTAQHVRVAALDLEVDFAAGEEMLTEVSCKFRPENVVAELAEAGLRQTHWWTDPAGDFGLSL
AVR
;
_entity_poly.pdbx_strand_id   A,B
#
loop_
_chem_comp.id
_chem_comp.type
_chem_comp.name
_chem_comp.formula
AVO non-polymer Pyrrolidinohistidine 'C10 H17 N3 O2 2'
#
# COMPACT_ATOMS: atom_id res chain seq x y z
N HIS A 2 -3.38 -24.15 -8.47
CA HIS A 2 -4.49 -23.41 -9.15
C HIS A 2 -5.74 -23.35 -8.27
N MET A 3 -6.79 -24.08 -8.65
CA MET A 3 -8.09 -23.94 -8.00
C MET A 3 -8.40 -25.02 -6.95
N ALA A 4 -7.51 -25.99 -6.77
CA ALA A 4 -7.76 -27.06 -5.80
C ALA A 4 -7.85 -26.49 -4.40
N LEU A 5 -8.94 -26.78 -3.70
CA LEU A 5 -9.19 -26.16 -2.40
C LEU A 5 -10.33 -26.82 -1.65
N SER A 6 -10.22 -26.81 -0.32
CA SER A 6 -11.35 -27.04 0.55
C SER A 6 -11.50 -25.81 1.43
N LEU A 7 -12.72 -25.27 1.49
CA LEU A 7 -12.97 -24.05 2.23
C LEU A 7 -14.24 -24.17 3.07
N ALA A 8 -14.10 -23.92 4.37
CA ALA A 8 -15.24 -23.88 5.29
C ALA A 8 -15.42 -22.45 5.76
N ASN A 9 -16.66 -21.96 5.69
CA ASN A 9 -16.94 -20.56 6.01
C ASN A 9 -17.96 -20.43 7.13
N TYR A 10 -17.50 -19.86 8.24
CA TYR A 10 -18.33 -19.72 9.44
C TYR A 10 -18.70 -18.27 9.70
N LEU A 11 -18.35 -17.39 8.77
CA LEU A 11 -18.65 -15.97 8.91
C LEU A 11 -19.75 -15.54 7.94
N ALA A 12 -20.72 -14.80 8.48
CA ALA A 12 -21.83 -14.29 7.70
C ALA A 12 -21.83 -12.77 7.73
N ALA A 13 -22.10 -12.15 6.58
CA ALA A 13 -22.04 -10.71 6.46
C ALA A 13 -23.01 -10.02 7.42
N ASP A 14 -24.20 -10.58 7.60
CA ASP A 14 -25.20 -9.99 8.48
C ASP A 14 -24.73 -10.05 9.94
N SER A 15 -24.03 -11.12 10.30
CA SER A 15 -23.44 -11.23 11.63
C SER A 15 -22.37 -10.17 11.85
N ALA A 16 -21.50 -9.97 10.86
CA ALA A 16 -20.47 -8.94 10.95
C ALA A 16 -21.09 -7.56 11.09
N ALA A 17 -22.15 -7.31 10.32
CA ALA A 17 -22.81 -6.02 10.32
C ALA A 17 -23.44 -5.71 11.67
N GLU A 18 -24.06 -6.70 12.30
CA GLU A 18 -24.70 -6.48 13.59
C GLU A 18 -23.64 -6.30 14.68
N ALA A 19 -22.49 -6.95 14.51
CA ALA A 19 -21.41 -6.83 15.48
C ALA A 19 -20.87 -5.42 15.48
N LEU A 20 -20.71 -4.85 14.28
CA LEU A 20 -20.21 -3.48 14.16
C LEU A 20 -21.19 -2.51 14.81
N ARG A 21 -22.48 -2.71 14.57
CA ARG A 21 -23.51 -1.89 15.21
C ARG A 21 -23.39 -1.92 16.73
N ARG A 22 -23.29 -3.13 17.29
CA ARG A 22 -23.17 -3.28 18.74
C ARG A 22 -21.92 -2.61 19.28
N ASP A 23 -20.79 -2.86 18.61
CA ASP A 23 -19.50 -2.36 19.07
C ASP A 23 -19.44 -0.83 19.01
N VAL A 24 -19.99 -0.26 17.94
CA VAL A 24 -19.95 1.19 17.76
C VAL A 24 -20.90 1.88 18.73
N ARG A 25 -22.08 1.31 18.94
CA ARG A 25 -23.04 1.91 19.88
C ARG A 25 -22.43 1.93 21.29
N ALA A 26 -21.88 0.79 21.71
CA ALA A 26 -21.35 0.67 23.06
C ALA A 26 -20.11 1.53 23.23
N GLY A 27 -19.23 1.49 22.24
CA GLY A 27 -17.97 2.20 22.31
C GLY A 27 -18.12 3.71 22.29
N LEU A 28 -19.09 4.22 21.55
CA LEU A 28 -19.28 5.67 21.42
C LEU A 28 -20.19 6.27 22.49
N THR A 29 -20.94 5.44 23.20
CA THR A 29 -21.80 5.95 24.28
C THR A 29 -21.11 5.82 25.64
N ALA A 30 -19.99 5.10 25.68
CA ALA A 30 -19.21 4.99 26.91
C ALA A 30 -18.66 6.36 27.31
N THR A 31 -18.53 6.61 28.61
CA THR A 31 -18.02 7.88 29.08
C THR A 31 -16.60 8.07 28.57
N GLN A 32 -15.81 7.01 28.64
CA GLN A 32 -14.53 6.93 27.96
C GLN A 32 -14.77 6.22 26.63
N LYS A 33 -14.82 7.00 25.55
CA LYS A 33 -15.13 6.44 24.24
C LYS A 33 -14.03 5.51 23.73
N SER A 34 -14.42 4.48 22.99
CA SER A 34 -13.48 3.59 22.36
C SER A 34 -14.08 2.91 21.13
N LEU A 35 -13.22 2.34 20.29
CA LEU A 35 -13.67 1.51 19.17
C LEU A 35 -12.75 0.29 19.07
N PRO A 36 -13.31 -0.90 18.80
CA PRO A 36 -12.45 -2.08 18.76
C PRO A 36 -11.61 -2.12 17.49
N PRO A 37 -10.32 -2.50 17.59
CA PRO A 37 -9.41 -2.41 16.45
C PRO A 37 -9.69 -3.42 15.33
N LYS A 38 -10.50 -4.44 15.59
CA LYS A 38 -10.81 -5.42 14.56
C LYS A 38 -11.41 -4.73 13.32
N TRP A 39 -12.01 -3.56 13.52
CA TRP A 39 -12.69 -2.85 12.45
C TRP A 39 -11.75 -1.99 11.61
N PHE A 40 -10.47 -1.96 12.00
CA PHE A 40 -9.44 -1.32 11.17
C PHE A 40 -9.33 -1.95 9.78
N TYR A 41 -9.59 -3.25 9.71
CA TYR A 41 -9.10 -4.03 8.58
C TYR A 41 -10.13 -4.28 7.49
N ASP A 42 -10.71 -3.20 6.96
CA ASP A 42 -11.45 -3.29 5.70
C ASP A 42 -10.37 -3.34 4.61
N ALA A 43 -10.76 -3.26 3.34
CA ALA A 43 -9.80 -3.37 2.25
C ALA A 43 -8.75 -2.26 2.33
N VAL A 44 -9.20 -1.03 2.57
CA VAL A 44 -8.31 0.11 2.68
C VAL A 44 -7.37 -0.05 3.87
N GLY A 45 -7.93 -0.42 5.01
CA GLY A 45 -7.16 -0.54 6.23
C GLY A 45 -6.12 -1.66 6.19
N SER A 46 -6.48 -2.77 5.57
CA SER A 46 -5.55 -3.88 5.40
C SER A 46 -4.36 -3.47 4.53
N ASP A 47 -4.65 -2.70 3.49
CA ASP A 47 -3.61 -2.17 2.62
C ASP A 47 -2.70 -1.21 3.39
N LEU A 48 -3.30 -0.37 4.23
CA LEU A 48 -2.52 0.55 5.04
C LEU A 48 -1.64 -0.22 6.02
N PHE A 49 -2.17 -1.28 6.62
CA PHE A 49 -1.37 -2.06 7.56
C PHE A 49 -0.21 -2.73 6.83
N ASP A 50 -0.47 -3.22 5.62
CA ASP A 50 0.57 -3.83 4.82
C ASP A 50 1.73 -2.85 4.66
N GLN A 51 1.38 -1.58 4.46
CA GLN A 51 2.40 -0.55 4.30
CA GLN A 51 2.40 -0.56 4.30
C GLN A 51 3.12 -0.30 5.62
N ILE A 52 2.38 -0.37 6.73
CA ILE A 52 2.98 -0.18 8.05
C ILE A 52 4.10 -1.18 8.26
N THR A 53 3.94 -2.42 7.78
CA THR A 53 4.96 -3.44 7.99
C THR A 53 6.28 -3.08 7.30
N ARG A 54 6.28 -2.10 6.40
CA ARG A 54 7.49 -1.69 5.68
C ARG A 54 8.04 -0.32 6.12
N LEU A 55 7.37 0.33 7.07
CA LEU A 55 7.88 1.61 7.59
C LEU A 55 9.20 1.40 8.32
N PRO A 56 10.12 2.38 8.22
CA PRO A 56 11.38 2.19 8.94
C PRO A 56 11.19 2.15 10.46
N GLU A 57 10.23 2.90 10.99
CA GLU A 57 9.99 2.91 12.43
C GLU A 57 9.38 1.60 12.92
N TYR A 58 8.66 0.89 12.06
CA TYR A 58 7.95 -0.31 12.49
C TYR A 58 8.83 -1.58 12.36
N TYR A 59 9.62 -1.83 13.40
CA TYR A 59 10.56 -2.95 13.44
C TYR A 59 9.94 -4.37 13.54
N PRO A 60 8.70 -4.49 14.08
CA PRO A 60 8.22 -5.86 14.40
C PRO A 60 8.24 -6.89 13.26
N THR A 61 7.71 -6.54 12.11
CA THR A 61 7.57 -7.50 11.01
C THR A 61 8.92 -8.02 10.54
N ARG A 62 9.85 -7.12 10.24
CA ARG A 62 11.13 -7.55 9.70
C ARG A 62 12.02 -8.16 10.79
N THR A 63 11.79 -7.79 12.04
CA THR A 63 12.54 -8.42 13.14
C THR A 63 12.11 -9.87 13.28
N GLU A 64 10.79 -10.11 13.27
CA GLU A 64 10.27 -11.48 13.32
C GLU A 64 10.71 -12.27 12.10
N ALA A 65 10.70 -11.62 10.94
CA ALA A 65 11.07 -12.27 9.69
C ALA A 65 12.53 -12.73 9.73
N GLN A 66 13.38 -11.91 10.33
CA GLN A 66 14.80 -12.22 10.44
C GLN A 66 15.05 -13.41 11.37
N ILE A 67 14.25 -13.52 12.43
CA ILE A 67 14.36 -14.67 13.33
C ILE A 67 13.98 -15.94 12.59
N LEU A 68 12.89 -15.89 11.82
CA LEU A 68 12.43 -17.06 11.06
C LEU A 68 13.42 -17.39 9.96
N ARG A 69 13.98 -16.37 9.34
CA ARG A 69 14.94 -16.55 8.25
C ARG A 69 16.15 -17.35 8.70
N THR A 70 16.63 -17.07 9.92
CA THR A 70 17.85 -17.69 10.41
C THR A 70 17.61 -18.96 11.23
N ARG A 71 16.36 -19.25 11.57
CA ARG A 71 16.08 -20.37 12.47
C ARG A 71 14.91 -21.27 12.04
N SER A 72 14.42 -21.10 10.81
CA SER A 72 13.28 -21.87 10.30
CA SER A 72 13.26 -21.86 10.38
C SER A 72 13.53 -23.37 10.40
N ALA A 73 14.72 -23.79 9.98
CA ALA A 73 15.07 -25.20 10.00
C ALA A 73 14.98 -25.78 11.42
N GLU A 74 15.47 -25.04 12.40
CA GLU A 74 15.42 -25.50 13.79
C GLU A 74 13.97 -25.58 14.27
N ILE A 75 13.20 -24.55 13.96
CA ILE A 75 11.79 -24.49 14.35
C ILE A 75 11.01 -25.69 13.82
N ILE A 76 11.19 -25.97 12.53
CA ILE A 76 10.49 -27.06 11.88
C ILE A 76 10.95 -28.41 12.40
N SER A 77 12.25 -28.55 12.66
CA SER A 77 12.79 -29.77 13.23
C SER A 77 12.20 -30.01 14.62
N ALA A 78 12.12 -28.95 15.43
CA ALA A 78 11.57 -29.04 16.77
C ALA A 78 10.09 -29.43 16.75
N ALA A 79 9.34 -28.86 15.81
CA ALA A 79 7.91 -29.14 15.72
C ALA A 79 7.66 -30.54 15.19
N GLY A 80 8.40 -30.95 14.17
CA GLY A 80 8.21 -32.25 13.55
C GLY A 80 6.84 -32.39 12.91
N ALA A 81 6.22 -31.24 12.60
CA ALA A 81 4.86 -31.22 12.07
C ALA A 81 4.84 -31.45 10.55
N ASP A 82 3.73 -32.02 10.07
CA ASP A 82 3.52 -32.19 8.62
C ASP A 82 2.43 -31.24 8.12
N THR A 83 1.79 -30.56 9.06
CA THR A 83 0.67 -29.67 8.76
C THR A 83 0.89 -28.29 9.39
N LEU A 84 0.81 -27.26 8.56
CA LEU A 84 0.98 -25.89 9.04
C LEU A 84 -0.36 -25.19 9.13
N VAL A 85 -0.74 -24.80 10.35
CA VAL A 85 -1.94 -24.01 10.56
C VAL A 85 -1.54 -22.57 10.80
N GLU A 86 -2.05 -21.67 9.94
CA GLU A 86 -1.77 -20.25 10.09
C GLU A 86 -3.01 -19.48 10.54
N LEU A 87 -2.94 -18.98 11.77
CA LEU A 87 -3.97 -18.10 12.30
C LEU A 87 -3.69 -16.70 11.77
N GLY A 88 -4.14 -16.48 10.54
CA GLY A 88 -3.77 -15.32 9.76
C GLY A 88 -3.90 -15.63 8.28
N SER A 89 -3.36 -14.76 7.44
CA SER A 89 -3.65 -14.81 6.00
C SER A 89 -2.99 -15.96 5.24
N GLY A 90 -1.68 -16.12 5.39
CA GLY A 90 -0.92 -17.04 4.56
C GLY A 90 -0.30 -16.36 3.36
N THR A 91 -0.27 -15.03 3.38
CA THR A 91 0.24 -14.24 2.27
C THR A 91 1.73 -13.97 2.35
N SER A 92 2.25 -13.85 3.58
CA SER A 92 3.55 -13.27 3.80
C SER A 92 4.73 -14.17 3.45
N GLU A 93 5.92 -13.57 3.42
CA GLU A 93 7.14 -14.31 3.21
C GLU A 93 7.38 -15.28 4.36
N LYS A 94 6.86 -14.94 5.53
CA LYS A 94 7.06 -15.75 6.73
C LYS A 94 6.44 -17.14 6.59
N THR A 95 5.25 -17.18 5.99
CA THR A 95 4.57 -18.44 5.72
C THR A 95 5.44 -19.32 4.85
N ARG A 96 6.04 -18.72 3.83
CA ARG A 96 6.85 -19.46 2.89
C ARG A 96 8.17 -19.93 3.50
N MET A 97 8.72 -19.15 4.42
CA MET A 97 9.92 -19.57 5.14
C MET A 97 9.64 -20.89 5.86
N LEU A 98 8.50 -20.94 6.53
CA LEU A 98 8.10 -22.13 7.28
C LEU A 98 7.77 -23.28 6.33
N LEU A 99 6.98 -23.01 5.29
CA LEU A 99 6.61 -24.05 4.35
C LEU A 99 7.83 -24.60 3.62
N ASP A 100 8.73 -23.72 3.21
CA ASP A 100 9.97 -24.15 2.57
C ASP A 100 10.77 -25.08 3.48
N ALA A 101 10.86 -24.70 4.75
CA ALA A 101 11.60 -25.50 5.73
C ALA A 101 10.96 -26.85 5.95
N MET A 102 9.63 -26.89 5.90
CA MET A 102 8.91 -28.16 6.04
C MET A 102 9.15 -29.03 4.81
N ARG A 103 9.19 -28.40 3.65
CA ARG A 103 9.42 -29.13 2.41
C ARG A 103 10.85 -29.67 2.39
N ASP A 104 11.81 -28.83 2.77
CA ASP A 104 13.21 -29.23 2.81
C ASP A 104 13.38 -30.47 3.66
N ALA A 105 12.65 -30.53 4.77
CA ALA A 105 12.74 -31.67 5.67
C ALA A 105 11.86 -32.83 5.20
N GLU A 106 11.23 -32.66 4.04
CA GLU A 106 10.35 -33.68 3.48
C GLU A 106 9.24 -34.08 4.47
N LEU A 107 8.68 -33.08 5.14
CA LEU A 107 7.60 -33.29 6.10
C LEU A 107 6.26 -32.78 5.60
N LEU A 108 6.31 -31.81 4.69
CA LEU A 108 5.12 -31.03 4.35
C LEU A 108 4.07 -31.83 3.62
N ARG A 109 2.85 -31.81 4.15
CA ARG A 109 1.72 -32.50 3.56
C ARG A 109 0.49 -31.58 3.43
N ARG A 110 0.37 -30.61 4.33
CA ARG A 110 -0.88 -29.86 4.47
C ARG A 110 -0.71 -28.42 4.95
N PHE A 111 -1.57 -27.55 4.44
CA PHE A 111 -1.61 -26.14 4.83
C PHE A 111 -3.04 -25.73 5.18
N ILE A 112 -3.22 -25.17 6.37
CA ILE A 112 -4.54 -24.77 6.85
C ILE A 112 -4.53 -23.29 7.23
N PRO A 113 -4.87 -22.42 6.26
CA PRO A 113 -5.00 -21.00 6.55
C PRO A 113 -6.32 -20.67 7.21
N PHE A 114 -6.26 -19.84 8.25
CA PHE A 114 -7.43 -19.47 9.04
C PHE A 114 -7.49 -17.94 9.12
N ASP A 115 -8.52 -17.37 8.52
CA ASP A 115 -8.63 -15.92 8.39
C ASP A 115 -10.09 -15.48 8.21
N VAL A 116 -10.37 -14.20 8.38
CA VAL A 116 -11.74 -13.70 8.33
C VAL A 116 -12.20 -13.36 6.89
N ASP A 117 -11.25 -13.29 5.96
CA ASP A 117 -11.56 -12.90 4.59
C ASP A 117 -11.47 -14.10 3.64
N ALA A 118 -12.61 -14.53 3.12
CA ALA A 118 -12.67 -15.69 2.24
C ALA A 118 -11.86 -15.47 0.96
N GLY A 119 -11.90 -14.24 0.44
CA GLY A 119 -11.20 -13.91 -0.78
C GLY A 119 -9.70 -14.10 -0.65
N VAL A 120 -9.16 -13.64 0.48
CA VAL A 120 -7.74 -13.77 0.75
C VAL A 120 -7.34 -15.24 0.90
N LEU A 121 -8.22 -16.03 1.50
CA LEU A 121 -7.98 -17.46 1.66
C LEU A 121 -7.90 -18.15 0.30
N ARG A 122 -8.82 -17.80 -0.59
CA ARG A 122 -8.82 -18.35 -1.95
CA ARG A 122 -8.81 -18.37 -1.95
C ARG A 122 -7.52 -18.00 -2.67
N SER A 123 -7.09 -16.74 -2.53
CA SER A 123 -5.86 -16.29 -3.15
C SER A 123 -4.64 -17.03 -2.61
N ALA A 124 -4.60 -17.18 -1.28
CA ALA A 124 -3.51 -17.91 -0.62
C ALA A 124 -3.48 -19.36 -1.09
N GLY A 125 -4.66 -19.95 -1.22
CA GLY A 125 -4.78 -21.32 -1.68
C GLY A 125 -4.22 -21.51 -3.07
N ALA A 126 -4.49 -20.56 -3.96
CA ALA A 126 -3.98 -20.60 -5.32
C ALA A 126 -2.46 -20.47 -5.35
N ALA A 127 -1.94 -19.50 -4.60
CA ALA A 127 -0.50 -19.22 -4.60
C ALA A 127 0.29 -20.37 -3.98
N ILE A 128 -0.13 -20.81 -2.80
CA ILE A 128 0.53 -21.90 -2.10
C ILE A 128 0.39 -23.22 -2.88
N GLY A 129 -0.78 -23.43 -3.49
CA GLY A 129 -1.03 -24.62 -4.26
C GLY A 129 -0.09 -24.72 -5.45
N ALA A 130 0.23 -23.57 -6.03
CA ALA A 130 1.12 -23.51 -7.18
C ALA A 130 2.57 -23.73 -6.76
N GLU A 131 2.97 -23.14 -5.64
CA GLU A 131 4.36 -23.17 -5.20
C GLU A 131 4.74 -24.52 -4.58
N TYR A 132 3.76 -25.22 -4.01
CA TYR A 132 3.99 -26.52 -3.38
C TYR A 132 3.05 -27.57 -3.94
N PRO A 133 3.28 -28.00 -5.20
CA PRO A 133 2.34 -28.93 -5.85
C PRO A 133 2.15 -30.21 -5.05
N GLY A 134 0.91 -30.67 -4.94
CA GLY A 134 0.59 -31.88 -4.20
C GLY A 134 0.13 -31.60 -2.79
N ILE A 135 0.38 -30.38 -2.31
CA ILE A 135 0.01 -30.00 -0.95
C ILE A 135 -1.51 -29.96 -0.81
N GLU A 136 -2.01 -30.48 0.32
CA GLU A 136 -3.43 -30.38 0.64
C GLU A 136 -3.71 -29.06 1.35
N ILE A 137 -4.66 -28.30 0.83
CA ILE A 137 -5.03 -27.01 1.41
C ILE A 137 -6.47 -27.02 1.91
N ASP A 138 -6.63 -26.88 3.22
CA ASP A 138 -7.94 -26.78 3.85
C ASP A 138 -8.07 -25.42 4.52
N ALA A 139 -8.78 -24.50 3.88
CA ALA A 139 -8.93 -23.15 4.40
C ALA A 139 -10.13 -23.05 5.34
N VAL A 140 -10.02 -22.17 6.33
CA VAL A 140 -11.12 -21.94 7.26
C VAL A 140 -11.36 -20.45 7.40
N CYS A 141 -12.57 -20.02 7.03
CA CYS A 141 -12.95 -18.64 7.21
C CYS A 141 -13.64 -18.48 8.55
N GLY A 142 -12.95 -17.88 9.50
CA GLY A 142 -13.48 -17.74 10.84
C GLY A 142 -12.75 -16.72 11.69
N ASP A 143 -13.31 -16.45 12.86
CA ASP A 143 -12.75 -15.52 13.83
C ASP A 143 -11.94 -16.32 14.86
N PHE A 144 -10.67 -15.97 15.05
CA PHE A 144 -9.81 -16.79 15.90
C PHE A 144 -10.16 -16.66 17.38
N GLU A 145 -11.14 -15.81 17.70
CA GLU A 145 -11.67 -15.71 19.04
C GLU A 145 -12.96 -16.50 19.21
N GLU A 146 -13.43 -17.14 18.15
CA GLU A 146 -14.71 -17.85 18.18
C GLU A 146 -14.71 -19.23 17.53
N HIS A 147 -13.87 -19.43 16.51
CA HIS A 147 -13.97 -20.64 15.68
C HIS A 147 -12.71 -21.51 15.65
N LEU A 148 -11.91 -21.45 16.71
CA LEU A 148 -10.72 -22.29 16.79
C LEU A 148 -11.10 -23.76 16.76
N GLY A 149 -12.26 -24.08 17.33
CA GLY A 149 -12.75 -25.45 17.35
C GLY A 149 -13.05 -26.03 15.98
N LYS A 150 -13.12 -25.16 14.97
CA LYS A 150 -13.43 -25.57 13.60
C LYS A 150 -12.19 -25.94 12.80
N ILE A 151 -11.01 -25.73 13.37
CA ILE A 151 -9.78 -26.09 12.68
C ILE A 151 -9.62 -27.61 12.71
N PRO A 152 -9.41 -28.22 11.52
CA PRO A 152 -9.22 -29.68 11.44
C PRO A 152 -8.08 -30.21 12.30
N HIS A 153 -8.27 -31.38 12.90
CA HIS A 153 -7.25 -31.99 13.74
C HIS A 153 -6.41 -33.01 12.95
N VAL A 154 -6.50 -32.92 11.63
CA VAL A 154 -5.80 -33.85 10.76
C VAL A 154 -4.29 -33.57 10.78
N GLY A 155 -3.50 -34.63 10.94
CA GLY A 155 -2.05 -34.52 10.88
C GLY A 155 -1.39 -34.12 12.18
N ARG A 156 -0.08 -33.92 12.12
CA ARG A 156 0.69 -33.38 13.23
C ARG A 156 0.89 -31.89 12.97
N ARG A 157 0.26 -31.05 13.78
CA ARG A 157 0.03 -29.67 13.41
C ARG A 157 0.89 -28.64 14.12
N LEU A 158 1.52 -27.79 13.32
CA LEU A 158 2.22 -26.61 13.81
C LEU A 158 1.30 -25.41 13.65
N VAL A 159 0.77 -24.92 14.76
CA VAL A 159 -0.13 -23.78 14.75
C VAL A 159 0.67 -22.52 15.00
N VAL A 160 0.56 -21.57 14.07
CA VAL A 160 1.38 -20.36 14.17
CA VAL A 160 1.37 -20.37 14.05
C VAL A 160 0.51 -19.12 14.30
N PHE A 161 0.94 -18.25 15.22
CA PHE A 161 0.22 -17.02 15.55
C PHE A 161 1.27 -15.92 15.71
N LEU A 162 1.56 -15.24 14.61
CA LEU A 162 2.72 -14.34 14.51
C LEU A 162 2.37 -12.87 14.58
N GLY A 163 3.39 -12.03 14.47
CA GLY A 163 3.24 -10.59 14.36
C GLY A 163 2.88 -9.88 15.65
N SER A 164 2.92 -10.61 16.76
CA SER A 164 2.45 -10.11 18.06
C SER A 164 0.98 -9.76 17.97
N THR A 165 0.22 -10.51 17.17
CA THR A 165 -1.23 -10.38 17.14
C THR A 165 -1.80 -10.57 18.55
N ILE A 166 -1.19 -11.46 19.31
CA ILE A 166 -1.67 -11.76 20.66
C ILE A 166 -1.62 -10.54 21.57
N GLY A 167 -0.78 -9.57 21.21
CA GLY A 167 -0.63 -8.37 22.01
C GLY A 167 -1.79 -7.39 21.83
N ASN A 168 -2.60 -7.59 20.81
CA ASN A 168 -3.76 -6.72 20.58
C ASN A 168 -4.96 -7.15 21.42
N LEU A 169 -4.77 -8.21 22.20
CA LEU A 169 -5.77 -8.66 23.16
C LEU A 169 -5.38 -8.24 24.58
N THR A 170 -6.33 -7.66 25.31
CA THR A 170 -6.11 -7.33 26.71
C THR A 170 -6.02 -8.63 27.51
N PRO A 171 -5.45 -8.56 28.73
CA PRO A 171 -5.14 -9.75 29.53
C PRO A 171 -6.24 -10.82 29.62
N ALA A 172 -7.48 -10.43 29.92
CA ALA A 172 -8.55 -11.42 30.10
C ALA A 172 -8.89 -12.13 28.79
N PRO A 173 -9.22 -11.38 27.72
CA PRO A 173 -9.46 -12.09 26.45
C PRO A 173 -8.22 -12.81 25.94
N ARG A 174 -7.04 -12.29 26.27
CA ARG A 174 -5.81 -12.92 25.83
C ARG A 174 -5.66 -14.28 26.50
N ALA A 175 -5.91 -14.34 27.81
CA ALA A 175 -5.79 -15.60 28.53
C ALA A 175 -6.84 -16.59 28.06
N GLU A 176 -8.04 -16.10 27.74
CA GLU A 176 -9.10 -16.98 27.26
C GLU A 176 -8.73 -17.57 25.91
N PHE A 177 -8.16 -16.74 25.05
CA PHE A 177 -7.73 -17.19 23.73
C PHE A 177 -6.68 -18.30 23.85
N LEU A 178 -5.63 -18.05 24.62
CA LEU A 178 -4.55 -19.02 24.75
C LEU A 178 -5.04 -20.33 25.33
N SER A 179 -5.92 -20.25 26.34
CA SER A 179 -6.47 -21.44 26.96
C SER A 179 -7.32 -22.22 25.96
N THR A 180 -8.16 -21.52 25.21
CA THR A 180 -9.00 -22.16 24.21
C THR A 180 -8.14 -22.83 23.14
N LEU A 181 -7.15 -22.10 22.63
CA LEU A 181 -6.28 -22.64 21.60
C LEU A 181 -5.58 -23.89 22.11
N ALA A 182 -5.06 -23.82 23.32
CA ALA A 182 -4.36 -24.95 23.93
C ALA A 182 -5.25 -26.19 23.98
N ASP A 183 -6.53 -26.00 24.25
CA ASP A 183 -7.47 -27.12 24.37
C ASP A 183 -7.70 -27.86 23.05
N THR A 184 -7.30 -27.26 21.93
CA THR A 184 -7.51 -27.88 20.62
C THR A 184 -6.28 -28.64 20.15
N LEU A 185 -5.20 -28.59 20.93
CA LEU A 185 -3.95 -29.23 20.55
C LEU A 185 -3.86 -30.66 21.07
N GLN A 186 -3.48 -31.57 20.18
CA GLN A 186 -3.23 -32.96 20.54
C GLN A 186 -1.76 -33.16 20.88
N PRO A 187 -1.42 -34.31 21.48
CA PRO A 187 0.00 -34.65 21.61
C PRO A 187 0.65 -34.68 20.23
N GLY A 188 1.78 -33.99 20.09
CA GLY A 188 2.45 -33.87 18.81
C GLY A 188 2.29 -32.50 18.18
N ASP A 189 1.16 -31.85 18.46
CA ASP A 189 0.92 -30.50 17.95
C ASP A 189 1.77 -29.50 18.71
N SER A 190 2.03 -28.36 18.08
CA SER A 190 2.84 -27.30 18.68
CA SER A 190 2.80 -27.30 18.72
C SER A 190 2.30 -25.92 18.31
N LEU A 191 2.52 -24.96 19.20
CA LEU A 191 2.15 -23.57 18.97
C LEU A 191 3.41 -22.75 18.77
N LEU A 192 3.46 -21.98 17.68
CA LEU A 192 4.53 -21.02 17.45
C LEU A 192 3.96 -19.61 17.65
N LEU A 193 4.39 -18.94 18.71
CA LEU A 193 3.80 -17.66 19.11
C LEU A 193 4.80 -16.51 19.03
N GLY A 194 4.44 -15.47 18.30
CA GLY A 194 5.26 -14.27 18.20
C GLY A 194 4.83 -13.21 19.20
N THR A 195 5.79 -12.69 19.97
CA THR A 195 5.51 -11.67 20.97
C THR A 195 6.50 -10.52 20.89
N ASP A 196 5.99 -9.31 20.71
CA ASP A 196 6.86 -8.13 20.70
C ASP A 196 7.23 -7.80 22.15
N LEU A 197 8.48 -7.38 22.35
CA LEU A 197 9.03 -7.30 23.69
C LEU A 197 9.26 -5.87 24.17
N VAL A 198 9.20 -5.68 25.48
CA VAL A 198 9.50 -4.39 26.10
C VAL A 198 10.91 -3.95 25.69
N LYS A 199 11.03 -2.65 25.41
CA LYS A 199 12.28 -2.08 24.91
C LYS A 199 12.25 -0.57 25.12
N ASP A 200 13.22 0.13 24.54
CA ASP A 200 13.25 1.60 24.61
C ASP A 200 11.90 2.18 24.22
N THR A 201 11.34 3.00 25.11
CA THR A 201 9.98 3.48 24.94
C THR A 201 9.87 4.49 23.80
N GLY A 202 10.95 5.22 23.55
CA GLY A 202 11.00 6.11 22.39
C GLY A 202 10.81 5.33 21.10
N ARG A 203 11.49 4.20 20.99
CA ARG A 203 11.36 3.33 19.81
C ARG A 203 9.97 2.74 19.68
N LEU A 204 9.36 2.41 20.82
CA LEU A 204 8.03 1.86 20.84
C LEU A 204 7.01 2.87 20.29
N VAL A 205 7.08 4.10 20.78
CA VAL A 205 6.11 5.10 20.37
C VAL A 205 6.29 5.45 18.90
N ARG A 206 7.53 5.59 18.45
CA ARG A 206 7.78 5.97 17.05
C ARG A 206 7.26 4.88 16.11
N ALA A 207 7.33 3.63 16.55
CA ALA A 207 6.82 2.50 15.76
C ALA A 207 5.31 2.63 15.50
N TYR A 208 4.62 3.39 16.36
CA TYR A 208 3.17 3.55 16.23
C TYR A 208 2.80 5.01 15.96
N ASP A 209 3.79 5.79 15.54
CA ASP A 209 3.59 7.20 15.23
C ASP A 209 4.69 7.62 14.26
N ASP A 210 4.66 7.04 13.06
CA ASP A 210 5.75 7.18 12.09
C ASP A 210 5.80 8.57 11.46
N ALA A 211 6.99 8.95 11.00
CA ALA A 211 7.20 10.26 10.42
C ALA A 211 6.28 10.54 9.23
N ALA A 212 5.98 9.52 8.44
CA ALA A 212 5.22 9.70 7.20
C ALA A 212 3.72 9.83 7.44
N GLY A 213 3.27 9.54 8.65
CA GLY A 213 1.86 9.69 8.98
C GLY A 213 0.99 8.56 8.48
N VAL A 214 1.60 7.42 8.16
CA VAL A 214 0.88 6.27 7.66
C VAL A 214 0.06 5.60 8.77
N THR A 215 0.62 5.48 9.96
CA THR A 215 -0.12 4.89 11.08
C THR A 215 -1.31 5.78 11.42
N ALA A 216 -1.11 7.10 11.35
CA ALA A 216 -2.17 8.05 11.61
C ALA A 216 -3.35 7.84 10.66
N ALA A 217 -3.04 7.56 9.40
CA ALA A 217 -4.07 7.30 8.39
C ALA A 217 -4.81 6.00 8.68
N PHE A 218 -4.05 4.99 9.07
CA PHE A 218 -4.57 3.68 9.47
C PHE A 218 -5.55 3.82 10.63
N ASN A 219 -5.16 4.62 11.62
CA ASN A 219 -5.98 4.82 12.80
C ASN A 219 -7.27 5.54 12.44
N ARG A 220 -7.14 6.65 11.74
CA ARG A 220 -8.29 7.48 11.39
C ARG A 220 -9.26 6.76 10.46
N ASN A 221 -8.76 5.77 9.72
CA ASN A 221 -9.60 5.06 8.77
C ASN A 221 -10.76 4.34 9.45
N VAL A 222 -10.62 4.04 10.74
CA VAL A 222 -11.71 3.38 11.45
C VAL A 222 -12.94 4.30 11.46
N LEU A 223 -12.70 5.61 11.42
CA LEU A 223 -13.80 6.56 11.34
C LEU A 223 -14.48 6.52 9.98
N ALA A 224 -13.68 6.25 8.93
CA ALA A 224 -14.21 6.12 7.59
C ALA A 224 -15.06 4.86 7.46
N VAL A 225 -14.64 3.79 8.13
CA VAL A 225 -15.39 2.55 8.15
C VAL A 225 -16.76 2.80 8.77
N VAL A 226 -16.76 3.44 9.95
CA VAL A 226 -18.02 3.76 10.62
C VAL A 226 -18.88 4.68 9.74
N ASN A 227 -18.25 5.69 9.13
CA ASN A 227 -18.99 6.63 8.29
C ASN A 227 -19.71 5.93 7.16
N ARG A 228 -19.02 5.01 6.51
CA ARG A 228 -19.58 4.29 5.36
C ARG A 228 -20.61 3.26 5.79
N GLU A 229 -20.26 2.42 6.75
CA GLU A 229 -21.11 1.29 7.09
C GLU A 229 -22.33 1.68 7.90
N LEU A 230 -22.22 2.74 8.72
CA LEU A 230 -23.32 3.13 9.60
C LEU A 230 -23.83 4.54 9.31
N SER A 231 -23.43 5.07 8.15
CA SER A 231 -23.89 6.39 7.70
C SER A 231 -23.61 7.48 8.73
N ALA A 232 -22.36 7.56 9.18
CA ALA A 232 -21.95 8.58 10.15
C ALA A 232 -21.25 9.73 9.43
N ASP A 233 -21.00 10.81 10.17
CA ASP A 233 -20.39 12.01 9.60
C ASP A 233 -19.15 12.49 10.37
N PHE A 234 -18.32 11.56 10.82
CA PHE A 234 -17.01 11.91 11.37
C PHE A 234 -16.23 12.77 10.38
N ASP A 235 -15.68 13.87 10.87
CA ASP A 235 -14.75 14.67 10.09
C ASP A 235 -13.33 14.20 10.40
N LEU A 236 -12.78 13.34 9.54
CA LEU A 236 -11.48 12.72 9.80
C LEU A 236 -10.42 13.78 10.07
N ASP A 237 -10.53 14.92 9.40
CA ASP A 237 -9.55 15.99 9.55
C ASP A 237 -9.57 16.58 10.96
N ALA A 238 -10.69 16.43 11.65
CA ALA A 238 -10.85 17.01 12.98
C ALA A 238 -10.23 16.17 14.10
N PHE A 239 -9.63 15.03 13.74
CA PHE A 239 -9.07 14.12 14.74
C PHE A 239 -7.57 13.89 14.59
N GLU A 240 -6.87 14.01 15.71
CA GLU A 240 -5.42 13.86 15.75
C GLU A 240 -5.03 12.45 16.19
N HIS A 241 -4.01 11.89 15.53
CA HIS A 241 -3.48 10.59 15.92
C HIS A 241 -2.55 10.75 17.12
N VAL A 242 -2.79 9.95 18.16
CA VAL A 242 -1.95 9.96 19.35
C VAL A 242 -1.53 8.53 19.72
N ALA A 243 -0.22 8.33 19.83
CA ALA A 243 0.33 7.07 20.32
C ALA A 243 0.95 7.32 21.69
N LYS A 244 0.57 6.51 22.67
CA LYS A 244 1.07 6.64 24.03
C LYS A 244 1.67 5.34 24.54
N TRP A 245 2.71 5.46 25.36
CA TRP A 245 3.22 4.32 26.12
C TRP A 245 2.57 4.31 27.50
N ASN A 246 1.90 3.21 27.82
CA ASN A 246 1.33 3.00 29.15
C ASN A 246 2.27 2.12 29.97
N SER A 247 3.03 2.72 30.89
CA SER A 247 4.04 1.98 31.65
C SER A 247 3.45 1.05 32.69
N ASP A 248 2.28 1.37 33.23
CA ASP A 248 1.61 0.50 34.18
C ASP A 248 1.26 -0.84 33.55
N GLU A 249 0.66 -0.80 32.37
CA GLU A 249 0.23 -2.01 31.68
C GLU A 249 1.28 -2.47 30.66
N GLU A 250 2.30 -1.64 30.46
CA GLU A 250 3.38 -1.93 29.53
C GLU A 250 2.81 -2.24 28.15
N ARG A 251 2.09 -1.27 27.60
CA ARG A 251 1.47 -1.41 26.30
C ARG A 251 1.45 -0.08 25.57
N ILE A 252 1.55 -0.14 24.25
CA ILE A 252 1.27 1.01 23.42
C ILE A 252 -0.24 1.17 23.31
N GLU A 253 -0.70 2.41 23.27
CA GLU A 253 -2.10 2.71 23.02
C GLU A 253 -2.25 3.70 21.89
N MET A 254 -3.17 3.40 20.96
CA MET A 254 -3.52 4.36 19.93
C MET A 254 -4.81 5.07 20.29
N TRP A 255 -4.79 6.40 20.16
CA TRP A 255 -5.96 7.23 20.44
C TRP A 255 -6.26 8.17 19.28
N LEU A 256 -7.52 8.60 19.20
CA LEU A 256 -7.91 9.69 18.33
C LEU A 256 -8.39 10.86 19.20
N ARG A 257 -7.79 12.03 18.98
CA ARG A 257 -8.07 13.22 19.77
C ARG A 257 -8.77 14.29 18.94
N ALA A 258 -9.93 14.72 19.40
CA ALA A 258 -10.67 15.77 18.70
C ALA A 258 -9.96 17.12 18.86
N ARG A 259 -9.62 17.75 17.75
CA ARG A 259 -8.96 19.06 17.77
C ARG A 259 -9.87 20.13 18.36
N THR A 260 -11.14 20.03 18.01
CA THR A 260 -12.16 20.97 18.44
C THR A 260 -13.40 20.16 18.77
N ALA A 261 -14.38 20.79 19.41
CA ALA A 261 -15.63 20.10 19.72
C ALA A 261 -16.26 19.54 18.44
N GLN A 262 -16.64 18.27 18.48
CA GLN A 262 -17.28 17.62 17.33
C GLN A 262 -18.64 17.01 17.71
N HIS A 263 -19.62 17.19 16.83
CA HIS A 263 -20.92 16.55 16.97
C HIS A 263 -21.09 15.51 15.87
N VAL A 264 -21.19 14.24 16.26
CA VAL A 264 -21.24 13.14 15.30
C VAL A 264 -22.60 12.44 15.32
N ARG A 265 -23.25 12.40 14.15
CA ARG A 265 -24.49 11.66 13.99
C ARG A 265 -24.20 10.34 13.30
N VAL A 266 -24.56 9.24 13.96
CA VAL A 266 -24.48 7.92 13.36
C VAL A 266 -25.90 7.51 12.97
N ALA A 267 -26.25 7.75 11.70
CA ALA A 267 -27.64 7.65 11.25
C ALA A 267 -28.22 6.25 11.40
N ALA A 268 -27.42 5.23 11.12
CA ALA A 268 -27.89 3.85 11.13
C ALA A 268 -28.23 3.37 12.54
N LEU A 269 -27.72 4.07 13.55
CA LEU A 269 -27.99 3.75 14.95
C LEU A 269 -28.96 4.73 15.61
N ASP A 270 -29.48 5.68 14.83
CA ASP A 270 -30.26 6.79 15.36
C ASP A 270 -29.55 7.40 16.57
N LEU A 271 -28.24 7.59 16.42
CA LEU A 271 -27.39 8.00 17.54
C LEU A 271 -26.63 9.29 17.27
N GLU A 272 -26.61 10.16 18.26
CA GLU A 272 -25.79 11.36 18.25
C GLU A 272 -24.81 11.28 19.41
N VAL A 273 -23.56 11.66 19.17
CA VAL A 273 -22.58 11.76 20.25
C VAL A 273 -21.76 13.02 20.09
N ASP A 274 -21.18 13.47 21.20
CA ASP A 274 -20.37 14.67 21.20
C ASP A 274 -18.96 14.39 21.69
N PHE A 275 -17.99 15.01 21.04
CA PHE A 275 -16.62 15.03 21.50
C PHE A 275 -16.30 16.44 21.97
N ALA A 276 -15.79 16.57 23.19
CA ALA A 276 -15.28 17.86 23.66
C ALA A 276 -13.96 18.13 22.97
N ALA A 277 -13.57 19.39 22.86
CA ALA A 277 -12.24 19.74 22.37
C ALA A 277 -11.21 19.01 23.24
N GLY A 278 -10.35 18.21 22.61
CA GLY A 278 -9.31 17.51 23.34
C GLY A 278 -9.73 16.15 23.87
N GLU A 279 -10.99 15.78 23.68
CA GLU A 279 -11.44 14.46 24.11
C GLU A 279 -10.73 13.40 23.29
N GLU A 280 -10.32 12.32 23.96
CA GLU A 280 -9.60 11.23 23.31
C GLU A 280 -10.39 9.92 23.33
N MET A 281 -10.33 9.20 22.22
CA MET A 281 -11.01 7.92 22.05
C MET A 281 -9.98 6.82 21.82
N LEU A 282 -10.06 5.74 22.60
CA LEU A 282 -9.13 4.62 22.48
C LEU A 282 -9.50 3.69 21.32
N THR A 283 -8.55 3.41 20.43
CA THR A 283 -8.84 2.61 19.23
C THR A 283 -8.03 1.32 19.16
N GLU A 284 -6.95 1.23 19.93
CA GLU A 284 -6.13 0.02 19.94
C GLU A 284 -5.12 -0.01 21.08
N VAL A 285 -4.87 -1.21 21.60
CA VAL A 285 -3.74 -1.44 22.47
C VAL A 285 -2.81 -2.45 21.80
N SER A 286 -1.53 -2.34 22.10
CA SER A 286 -0.53 -3.27 21.61
C SER A 286 0.40 -3.59 22.78
N CYS A 287 0.10 -4.68 23.48
CA CYS A 287 0.83 -5.05 24.69
C CYS A 287 2.22 -5.55 24.37
N LYS A 288 3.18 -5.15 25.17
CA LYS A 288 4.56 -5.56 24.99
C LYS A 288 4.96 -6.44 26.16
N PHE A 289 5.71 -7.51 25.86
CA PHE A 289 5.93 -8.58 26.81
C PHE A 289 7.36 -8.65 27.34
N ARG A 290 7.50 -9.26 28.51
CA ARG A 290 8.79 -9.61 29.06
C ARG A 290 8.98 -11.12 28.88
N PRO A 291 10.20 -11.57 28.52
CA PRO A 291 10.41 -13.00 28.24
C PRO A 291 9.92 -13.94 29.33
N GLU A 292 10.21 -13.62 30.58
CA GLU A 292 9.78 -14.48 31.69
C GLU A 292 8.26 -14.56 31.79
N ASN A 293 7.57 -13.47 31.45
CA ASN A 293 6.11 -13.46 31.51
C ASN A 293 5.46 -14.23 30.37
N VAL A 294 6.15 -14.35 29.24
CA VAL A 294 5.61 -15.14 28.13
C VAL A 294 5.53 -16.60 28.56
N VAL A 295 6.56 -17.07 29.27
CA VAL A 295 6.56 -18.43 29.79
C VAL A 295 5.38 -18.64 30.72
N ALA A 296 5.13 -17.65 31.57
CA ALA A 296 4.07 -17.74 32.59
C ALA A 296 2.68 -17.74 31.95
N GLU A 297 2.45 -16.86 30.99
CA GLU A 297 1.14 -16.79 30.33
C GLU A 297 0.86 -18.08 29.58
N LEU A 298 1.90 -18.65 28.96
CA LEU A 298 1.78 -19.93 28.28
C LEU A 298 1.44 -21.04 29.27
N ALA A 299 2.13 -21.07 30.39
CA ALA A 299 1.92 -22.11 31.39
C ALA A 299 0.50 -22.02 31.96
N GLU A 300 0.03 -20.80 32.18
CA GLU A 300 -1.32 -20.56 32.67
C GLU A 300 -2.38 -21.16 31.74
N ALA A 301 -2.05 -21.21 30.45
CA ALA A 301 -2.96 -21.74 29.43
C ALA A 301 -2.83 -23.25 29.30
N GLY A 302 -1.89 -23.84 30.05
CA GLY A 302 -1.64 -25.27 29.96
C GLY A 302 -0.62 -25.63 28.90
N LEU A 303 0.24 -24.67 28.55
CA LEU A 303 1.27 -24.87 27.52
C LEU A 303 2.67 -24.72 28.09
N ARG A 304 3.55 -25.65 27.71
CA ARG A 304 4.95 -25.63 28.13
C ARG A 304 5.82 -25.08 27.01
N GLN A 305 6.55 -23.99 27.28
CA GLN A 305 7.48 -23.44 26.31
C GLN A 305 8.71 -24.34 26.20
N THR A 306 8.91 -24.93 25.03
CA THR A 306 10.01 -25.85 24.81
C THR A 306 11.16 -25.17 24.09
N HIS A 307 10.85 -24.11 23.34
CA HIS A 307 11.87 -23.34 22.63
C HIS A 307 11.56 -21.85 22.65
N TRP A 308 12.63 -21.06 22.62
CA TRP A 308 12.56 -19.60 22.67
C TRP A 308 13.63 -19.02 21.76
N TRP A 309 13.19 -18.28 20.74
CA TRP A 309 14.12 -17.61 19.84
C TRP A 309 13.93 -16.11 19.96
N THR A 310 15.02 -15.38 19.98
CA THR A 310 14.96 -13.93 20.05
C THR A 310 16.12 -13.33 19.26
N ASP A 311 15.88 -12.16 18.67
CA ASP A 311 16.93 -11.46 17.94
C ASP A 311 18.01 -10.97 18.92
N PRO A 312 19.22 -10.69 18.41
CA PRO A 312 20.32 -10.31 19.31
C PRO A 312 20.09 -9.00 20.06
N ALA A 313 19.21 -8.13 19.58
CA ALA A 313 18.90 -6.89 20.28
C ALA A 313 17.83 -7.11 21.34
N GLY A 314 17.19 -8.28 21.29
CA GLY A 314 16.14 -8.61 22.22
C GLY A 314 14.84 -7.86 21.94
N ASP A 315 14.64 -7.46 20.68
CA ASP A 315 13.46 -6.68 20.28
C ASP A 315 12.20 -7.52 20.19
N PHE A 316 12.34 -8.79 19.84
CA PHE A 316 11.18 -9.62 19.51
C PHE A 316 11.46 -11.06 19.88
N GLY A 317 10.40 -11.81 20.19
CA GLY A 317 10.54 -13.19 20.60
C GLY A 317 9.55 -14.15 19.95
N LEU A 318 10.03 -15.36 19.68
CA LEU A 318 9.19 -16.45 19.21
C LEU A 318 9.27 -17.64 20.16
N SER A 319 8.11 -18.14 20.58
CA SER A 319 8.01 -19.30 21.45
C SER A 319 7.44 -20.51 20.72
N LEU A 320 8.03 -21.66 20.96
CA LEU A 320 7.38 -22.93 20.64
C LEU A 320 6.87 -23.55 21.93
N ALA A 321 5.59 -23.90 21.94
CA ALA A 321 4.96 -24.46 23.13
C ALA A 321 4.10 -25.68 22.80
N VAL A 322 3.98 -26.57 23.78
CA VAL A 322 3.21 -27.80 23.63
C VAL A 322 2.37 -28.08 24.86
N ARG A 323 1.44 -29.02 24.75
CA ARG A 323 0.66 -29.47 25.89
C ARG A 323 1.47 -30.43 26.76
N GLY B 1 20.30 -19.05 -24.49
CA GLY B 1 21.18 -18.49 -25.56
C GLY B 1 20.67 -17.14 -26.03
N HIS B 2 20.14 -16.36 -25.09
CA HIS B 2 19.43 -15.13 -25.43
C HIS B 2 20.25 -13.86 -25.22
N MET B 3 19.71 -12.76 -25.74
CA MET B 3 20.30 -11.44 -25.63
C MET B 3 20.35 -10.96 -24.17
N ALA B 4 21.51 -10.47 -23.75
CA ALA B 4 21.66 -9.93 -22.40
C ALA B 4 20.84 -8.66 -22.24
N LEU B 5 20.31 -8.46 -21.03
CA LEU B 5 19.59 -7.24 -20.69
C LEU B 5 20.56 -6.08 -20.60
N SER B 6 20.08 -4.90 -21.00
CA SER B 6 20.87 -3.68 -20.94
C SER B 6 20.18 -2.62 -20.11
N LEU B 7 20.96 -1.92 -19.29
CA LEU B 7 20.47 -0.79 -18.53
C LEU B 7 21.45 0.36 -18.69
N ALA B 8 20.94 1.47 -19.20
CA ALA B 8 21.73 2.68 -19.36
C ALA B 8 21.23 3.74 -18.37
N ASN B 9 22.15 4.28 -17.58
CA ASN B 9 21.82 5.23 -16.53
C ASN B 9 22.44 6.61 -16.76
N TYR B 10 21.60 7.61 -16.93
CA TYR B 10 22.05 8.97 -17.26
C TYR B 10 21.92 9.93 -16.08
N LEU B 11 21.50 9.40 -14.93
CA LEU B 11 21.45 10.18 -13.71
C LEU B 11 22.74 10.08 -12.91
N ALA B 12 23.15 11.20 -12.32
CA ALA B 12 24.26 11.19 -11.37
C ALA B 12 23.74 10.77 -10.00
N ALA B 13 24.63 10.22 -9.18
CA ALA B 13 24.25 9.75 -7.85
C ALA B 13 23.57 10.84 -7.03
N ASP B 14 23.93 12.10 -7.28
CA ASP B 14 23.50 13.21 -6.46
C ASP B 14 22.54 14.17 -7.17
N SER B 15 22.14 13.84 -8.39
CA SER B 15 21.30 14.74 -9.17
C SER B 15 19.92 14.90 -8.52
N ALA B 16 19.41 13.81 -7.95
CA ALA B 16 18.12 13.85 -7.26
C ALA B 16 18.21 14.73 -6.02
N ALA B 17 19.31 14.61 -5.29
CA ALA B 17 19.52 15.39 -4.08
C ALA B 17 19.61 16.87 -4.42
N GLU B 18 20.39 17.21 -5.44
CA GLU B 18 20.57 18.60 -5.83
C GLU B 18 19.27 19.21 -6.36
N ALA B 19 18.51 18.41 -7.11
CA ALA B 19 17.25 18.88 -7.66
C ALA B 19 16.24 19.21 -6.55
N LEU B 20 16.21 18.39 -5.51
CA LEU B 20 15.29 18.62 -4.40
C LEU B 20 15.62 19.93 -3.68
N ARG B 21 16.90 20.24 -3.56
CA ARG B 21 17.31 21.48 -2.91
C ARG B 21 16.85 22.68 -3.72
N ARG B 22 17.12 22.64 -5.02
CA ARG B 22 16.64 23.68 -5.94
C ARG B 22 15.14 23.88 -5.82
N ASP B 23 14.40 22.78 -5.92
CA ASP B 23 12.95 22.82 -5.95
C ASP B 23 12.34 23.31 -4.65
N VAL B 24 12.88 22.86 -3.53
CA VAL B 24 12.33 23.24 -2.22
C VAL B 24 12.62 24.71 -1.94
N ARG B 25 13.85 25.17 -2.23
CA ARG B 25 14.20 26.55 -1.98
C ARG B 25 13.30 27.47 -2.81
N ALA B 26 13.18 27.17 -4.09
CA ALA B 26 12.37 27.98 -4.99
C ALA B 26 10.90 27.95 -4.57
N GLY B 27 10.41 26.75 -4.28
CA GLY B 27 9.01 26.55 -3.98
C GLY B 27 8.53 27.21 -2.69
N LEU B 28 9.41 27.25 -1.69
CA LEU B 28 9.02 27.77 -0.38
C LEU B 28 9.28 29.27 -0.22
N THR B 29 10.10 29.85 -1.08
CA THR B 29 10.36 31.30 -1.03
C THR B 29 9.47 32.05 -2.01
N ALA B 30 8.77 31.33 -2.87
CA ALA B 30 7.85 31.95 -3.82
C ALA B 30 6.67 32.55 -3.09
N THR B 31 6.17 33.68 -3.59
CA THR B 31 5.02 34.37 -2.99
C THR B 31 3.86 33.39 -2.84
N GLN B 32 3.55 32.67 -3.91
CA GLN B 32 2.69 31.50 -3.82
C GLN B 32 3.55 30.27 -3.62
N LYS B 33 3.50 29.69 -2.42
CA LYS B 33 4.32 28.53 -2.12
C LYS B 33 3.88 27.30 -2.90
N SER B 34 4.85 26.49 -3.29
CA SER B 34 4.57 25.24 -4.00
C SER B 34 5.70 24.23 -3.82
N LEU B 35 5.42 22.98 -4.19
CA LEU B 35 6.42 21.92 -4.22
C LEU B 35 6.11 21.03 -5.42
N PRO B 36 7.15 20.63 -6.19
CA PRO B 36 6.88 19.75 -7.34
C PRO B 36 6.38 18.37 -6.92
N PRO B 37 5.38 17.83 -7.63
CA PRO B 37 4.76 16.56 -7.24
C PRO B 37 5.67 15.34 -7.44
N LYS B 38 6.77 15.51 -8.16
CA LYS B 38 7.68 14.39 -8.42
C LYS B 38 8.25 13.84 -7.13
N TRP B 39 8.25 14.66 -6.08
CA TRP B 39 8.84 14.28 -4.80
C TRP B 39 7.86 13.52 -3.90
N PHE B 40 6.62 13.36 -4.37
CA PHE B 40 5.68 12.47 -3.70
C PHE B 40 6.21 11.04 -3.65
N TYR B 41 7.03 10.67 -4.62
CA TYR B 41 7.28 9.27 -4.91
C TYR B 41 8.59 8.73 -4.33
N ASP B 42 8.75 8.86 -3.01
CA ASP B 42 9.75 8.09 -2.30
C ASP B 42 9.16 6.71 -2.06
N ALA B 43 9.82 5.88 -1.27
CA ALA B 43 9.35 4.51 -1.06
C ALA B 43 7.93 4.51 -0.48
N VAL B 44 7.74 5.30 0.57
CA VAL B 44 6.46 5.36 1.27
C VAL B 44 5.37 5.94 0.36
N GLY B 45 5.69 7.04 -0.31
CA GLY B 45 4.72 7.68 -1.19
C GLY B 45 4.31 6.84 -2.38
N SER B 46 5.25 6.09 -2.94
CA SER B 46 4.92 5.20 -4.06
C SER B 46 3.93 4.12 -3.63
N ASP B 47 4.11 3.61 -2.42
CA ASP B 47 3.19 2.60 -1.88
C ASP B 47 1.83 3.21 -1.64
N LEU B 48 1.80 4.47 -1.19
CA LEU B 48 0.54 5.15 -0.98
C LEU B 48 -0.15 5.37 -2.32
N PHE B 49 0.61 5.78 -3.34
CA PHE B 49 0.00 5.95 -4.65
C PHE B 49 -0.55 4.62 -5.16
N ASP B 50 0.21 3.54 -4.93
CA ASP B 50 -0.24 2.21 -5.32
C ASP B 50 -1.62 1.93 -4.72
N GLN B 51 -1.78 2.29 -3.45
CA GLN B 51 -3.07 2.12 -2.79
C GLN B 51 -4.13 3.01 -3.41
N ILE B 52 -3.76 4.23 -3.76
CA ILE B 52 -4.69 5.17 -4.39
C ILE B 52 -5.31 4.53 -5.64
N THR B 53 -4.53 3.78 -6.41
CA THR B 53 -5.03 3.19 -7.65
C THR B 53 -6.17 2.19 -7.39
N ARG B 54 -6.27 1.73 -6.15
CA ARG B 54 -7.30 0.75 -5.78
C ARG B 54 -8.49 1.36 -5.05
N LEU B 55 -8.47 2.68 -4.83
CA LEU B 55 -9.55 3.33 -4.08
C LEU B 55 -10.82 3.38 -4.92
N PRO B 56 -12.00 3.17 -4.28
CA PRO B 56 -13.24 3.23 -5.05
C PRO B 56 -13.44 4.57 -5.75
N GLU B 57 -13.06 5.66 -5.09
CA GLU B 57 -13.21 7.00 -5.65
C GLU B 57 -12.26 7.29 -6.82
N TYR B 58 -11.11 6.62 -6.84
CA TYR B 58 -10.10 6.90 -7.85
C TYR B 58 -10.29 5.97 -9.05
N TYR B 59 -11.18 6.39 -9.95
CA TYR B 59 -11.53 5.62 -11.15
C TYR B 59 -10.43 5.49 -12.24
N PRO B 60 -9.48 6.45 -12.35
CA PRO B 60 -8.63 6.43 -13.55
C PRO B 60 -7.87 5.15 -13.87
N THR B 61 -7.18 4.55 -12.89
CA THR B 61 -6.36 3.37 -13.18
C THR B 61 -7.18 2.20 -13.73
N ARG B 62 -8.25 1.84 -13.03
CA ARG B 62 -9.07 0.69 -13.45
C ARG B 62 -9.83 0.97 -14.73
N THR B 63 -10.20 2.23 -14.93
CA THR B 63 -10.88 2.62 -16.17
C THR B 63 -9.93 2.45 -17.35
N GLU B 64 -8.72 2.95 -17.22
CA GLU B 64 -7.73 2.83 -18.28
C GLU B 64 -7.41 1.37 -18.55
N ALA B 65 -7.29 0.58 -17.49
CA ALA B 65 -6.99 -0.83 -17.60
C ALA B 65 -8.05 -1.56 -18.40
N GLN B 66 -9.31 -1.22 -18.17
CA GLN B 66 -10.39 -1.89 -18.89
C GLN B 66 -10.33 -1.58 -20.39
N ILE B 67 -10.05 -0.32 -20.72
CA ILE B 67 -9.92 0.07 -22.12
C ILE B 67 -8.78 -0.68 -22.80
N LEU B 68 -7.64 -0.74 -22.12
CA LEU B 68 -6.46 -1.36 -22.70
C LEU B 68 -6.67 -2.87 -22.87
N ARG B 69 -7.41 -3.46 -21.93
CA ARG B 69 -7.80 -4.86 -22.02
C ARG B 69 -8.56 -5.11 -23.32
N THR B 70 -9.49 -4.20 -23.60
CA THR B 70 -10.36 -4.28 -24.77
C THR B 70 -9.64 -4.00 -26.09
N ARG B 71 -8.68 -3.07 -26.05
CA ARG B 71 -8.13 -2.49 -27.27
C ARG B 71 -6.69 -2.88 -27.60
N SER B 72 -6.04 -3.63 -26.73
CA SER B 72 -4.62 -3.98 -26.92
C SER B 72 -4.35 -4.57 -28.30
N ALA B 73 -5.19 -5.50 -28.75
CA ALA B 73 -4.98 -6.12 -30.06
C ALA B 73 -5.08 -5.10 -31.19
N GLU B 74 -6.10 -4.25 -31.14
CA GLU B 74 -6.27 -3.20 -32.14
C GLU B 74 -5.10 -2.22 -32.13
N ILE B 75 -4.61 -1.91 -30.93
CA ILE B 75 -3.51 -0.98 -30.78
C ILE B 75 -2.25 -1.53 -31.44
N ILE B 76 -1.95 -2.80 -31.17
CA ILE B 76 -0.77 -3.44 -31.73
C ILE B 76 -0.89 -3.59 -33.24
N SER B 77 -2.09 -3.92 -33.72
CA SER B 77 -2.29 -4.11 -35.15
C SER B 77 -2.13 -2.79 -35.90
N ALA B 78 -2.65 -1.72 -35.30
CA ALA B 78 -2.58 -0.39 -35.90
C ALA B 78 -1.15 0.15 -35.88
N ALA B 79 -0.44 -0.09 -34.77
CA ALA B 79 0.91 0.43 -34.61
C ALA B 79 1.91 -0.30 -35.51
N GLY B 80 1.77 -1.62 -35.60
CA GLY B 80 2.68 -2.44 -36.39
C GLY B 80 4.11 -2.36 -35.86
N ALA B 81 4.24 -2.13 -34.56
CA ALA B 81 5.53 -1.94 -33.90
C ALA B 81 6.12 -3.26 -33.40
N ASP B 82 7.45 -3.36 -33.42
CA ASP B 82 8.15 -4.51 -32.85
C ASP B 82 8.83 -4.13 -31.53
N THR B 83 8.77 -2.84 -31.20
CA THR B 83 9.42 -2.30 -30.02
C THR B 83 8.44 -1.50 -29.16
N LEU B 84 8.33 -1.87 -27.89
CA LEU B 84 7.47 -1.15 -26.95
C LEU B 84 8.31 -0.28 -26.03
N VAL B 85 8.11 1.03 -26.10
CA VAL B 85 8.75 1.98 -25.21
C VAL B 85 7.76 2.42 -24.15
N GLU B 86 8.11 2.20 -22.88
CA GLU B 86 7.25 2.61 -21.78
C GLU B 86 7.87 3.73 -20.97
N LEU B 87 7.27 4.90 -21.06
CA LEU B 87 7.65 6.00 -20.19
C LEU B 87 6.98 5.72 -18.85
N GLY B 88 7.69 4.98 -18.01
CA GLY B 88 7.14 4.41 -16.79
C GLY B 88 7.96 3.20 -16.36
N SER B 89 7.48 2.52 -15.31
CA SER B 89 8.26 1.49 -14.62
C SER B 89 8.43 0.17 -15.36
N GLY B 90 7.39 -0.28 -16.06
CA GLY B 90 7.41 -1.58 -16.70
C GLY B 90 6.92 -2.68 -15.77
N THR B 91 6.29 -2.28 -14.67
CA THR B 91 5.92 -3.20 -13.61
C THR B 91 4.44 -3.60 -13.62
N SER B 92 3.66 -2.98 -14.50
CA SER B 92 2.21 -3.06 -14.39
C SER B 92 1.58 -4.15 -15.24
N GLU B 93 0.32 -4.44 -14.92
CA GLU B 93 -0.49 -5.36 -15.66
C GLU B 93 -0.72 -4.84 -17.09
N LYS B 94 -0.72 -3.52 -17.25
CA LYS B 94 -0.96 -2.87 -18.54
C LYS B 94 0.17 -3.13 -19.51
N THR B 95 1.39 -3.17 -18.98
CA THR B 95 2.57 -3.48 -19.76
C THR B 95 2.42 -4.85 -20.41
N ARG B 96 1.93 -5.81 -19.63
CA ARG B 96 1.82 -7.18 -20.10
C ARG B 96 0.68 -7.34 -21.08
N MET B 97 -0.36 -6.52 -20.96
CA MET B 97 -1.43 -6.51 -21.96
C MET B 97 -0.86 -6.19 -23.32
N LEU B 98 -0.01 -5.17 -23.37
CA LEU B 98 0.57 -4.72 -24.63
C LEU B 98 1.63 -5.68 -25.14
N LEU B 99 2.51 -6.14 -24.25
CA LEU B 99 3.55 -7.09 -24.65
C LEU B 99 2.93 -8.42 -25.12
N ASP B 100 1.90 -8.89 -24.42
CA ASP B 100 1.21 -10.11 -24.82
C ASP B 100 0.62 -9.99 -26.21
N ALA B 101 0.03 -8.83 -26.49
CA ALA B 101 -0.58 -8.60 -27.78
C ALA B 101 0.48 -8.56 -28.88
N MET B 102 1.65 -8.00 -28.57
CA MET B 102 2.72 -7.93 -29.56
C MET B 102 3.27 -9.33 -29.83
N ARG B 103 3.37 -10.13 -28.79
CA ARG B 103 3.81 -11.52 -28.94
C ARG B 103 2.79 -12.33 -29.74
N ASP B 104 1.51 -12.16 -29.44
CA ASP B 104 0.45 -12.85 -30.15
C ASP B 104 0.49 -12.54 -31.64
N ALA B 105 0.89 -11.31 -31.97
CA ALA B 105 0.93 -10.86 -33.36
C ALA B 105 2.25 -11.20 -34.05
N GLU B 106 3.16 -11.82 -33.30
CA GLU B 106 4.47 -12.23 -33.83
C GLU B 106 5.34 -11.02 -34.18
N LEU B 107 5.13 -9.91 -33.48
CA LEU B 107 5.86 -8.68 -33.74
C LEU B 107 6.93 -8.38 -32.69
N LEU B 108 6.71 -8.85 -31.47
CA LEU B 108 7.53 -8.42 -30.33
C LEU B 108 9.01 -8.79 -30.49
N ARG B 109 9.87 -7.78 -30.40
CA ARG B 109 11.32 -7.99 -30.44
C ARG B 109 12.02 -7.31 -29.27
N ARG B 110 11.44 -6.21 -28.80
CA ARG B 110 12.17 -5.29 -27.93
C ARG B 110 11.27 -4.56 -26.92
N PHE B 111 11.81 -4.34 -25.72
CA PHE B 111 11.13 -3.59 -24.65
C PHE B 111 12.10 -2.55 -24.05
N ILE B 112 11.63 -1.31 -23.99
CA ILE B 112 12.44 -0.17 -23.57
C ILE B 112 11.71 0.58 -22.47
N PRO B 113 11.93 0.17 -21.21
CA PRO B 113 11.38 0.91 -20.08
C PRO B 113 12.23 2.14 -19.76
N PHE B 114 11.55 3.26 -19.50
CA PHE B 114 12.19 4.54 -19.22
C PHE B 114 11.65 5.05 -17.88
N ASP B 115 12.54 5.23 -16.91
CA ASP B 115 12.10 5.59 -15.56
C ASP B 115 13.26 6.14 -14.74
N VAL B 116 12.95 6.83 -13.64
CA VAL B 116 14.00 7.48 -12.84
C VAL B 116 14.67 6.58 -11.80
N ASP B 117 14.07 5.41 -11.55
CA ASP B 117 14.54 4.52 -10.49
C ASP B 117 15.19 3.27 -11.10
N ALA B 118 16.50 3.17 -10.95
CA ALA B 118 17.25 2.08 -11.57
C ALA B 118 16.89 0.73 -10.95
N GLY B 119 16.61 0.72 -9.65
CA GLY B 119 16.25 -0.49 -8.96
C GLY B 119 14.95 -1.08 -9.52
N VAL B 120 13.99 -0.20 -9.79
CA VAL B 120 12.73 -0.61 -10.37
C VAL B 120 12.96 -1.21 -11.76
N LEU B 121 13.80 -0.54 -12.55
CA LEU B 121 14.13 -1.01 -13.90
C LEU B 121 14.78 -2.38 -13.88
N ARG B 122 15.69 -2.62 -12.94
CA ARG B 122 16.34 -3.91 -12.83
C ARG B 122 15.31 -5.01 -12.54
N SER B 123 14.39 -4.73 -11.61
CA SER B 123 13.34 -5.69 -11.27
C SER B 123 12.40 -5.93 -12.44
N ALA B 124 12.00 -4.85 -13.11
CA ALA B 124 11.11 -4.94 -14.26
C ALA B 124 11.76 -5.74 -15.40
N GLY B 125 13.03 -5.45 -15.66
CA GLY B 125 13.76 -6.11 -16.75
C GLY B 125 13.89 -7.60 -16.50
N ALA B 126 14.21 -7.96 -15.27
CA ALA B 126 14.33 -9.37 -14.89
C ALA B 126 13.02 -10.11 -15.13
N ALA B 127 11.92 -9.46 -14.75
CA ALA B 127 10.59 -10.06 -14.89
C ALA B 127 10.22 -10.24 -16.37
N ILE B 128 10.28 -9.15 -17.13
CA ILE B 128 9.97 -9.19 -18.55
C ILE B 128 10.92 -10.12 -19.31
N GLY B 129 12.19 -10.09 -18.95
CA GLY B 129 13.19 -10.92 -19.59
C GLY B 129 12.91 -12.41 -19.43
N ALA B 130 12.23 -12.77 -18.35
CA ALA B 130 11.89 -14.17 -18.09
C ALA B 130 10.56 -14.55 -18.73
N GLU B 131 9.61 -13.62 -18.75
CA GLU B 131 8.26 -13.90 -19.21
C GLU B 131 8.17 -13.91 -20.74
N TYR B 132 9.12 -13.26 -21.39
CA TYR B 132 9.19 -13.23 -22.86
C TYR B 132 10.60 -13.63 -23.32
N PRO B 133 10.91 -14.93 -23.25
CA PRO B 133 12.24 -15.47 -23.56
C PRO B 133 12.82 -14.97 -24.88
N GLY B 134 14.02 -14.38 -24.82
CA GLY B 134 14.71 -13.93 -26.01
C GLY B 134 14.52 -12.45 -26.31
N ILE B 135 13.61 -11.81 -25.59
CA ILE B 135 13.31 -10.40 -25.82
C ILE B 135 14.54 -9.54 -25.56
N GLU B 136 14.72 -8.49 -26.35
CA GLU B 136 15.76 -7.51 -26.12
C GLU B 136 15.24 -6.43 -25.19
N ILE B 137 15.91 -6.25 -24.05
CA ILE B 137 15.53 -5.23 -23.09
C ILE B 137 16.61 -4.16 -22.99
N ASP B 138 16.22 -2.94 -23.35
CA ASP B 138 17.10 -1.77 -23.24
C ASP B 138 16.49 -0.77 -22.26
N ALA B 139 16.75 -0.96 -20.97
CA ALA B 139 16.20 -0.05 -19.97
C ALA B 139 17.00 1.25 -19.96
N VAL B 140 16.31 2.34 -19.69
CA VAL B 140 16.92 3.66 -19.64
C VAL B 140 16.52 4.36 -18.34
N CYS B 141 17.52 4.63 -17.50
CA CYS B 141 17.29 5.43 -16.31
C CYS B 141 17.56 6.89 -16.62
N GLY B 142 16.52 7.71 -16.58
CA GLY B 142 16.64 9.13 -16.87
C GLY B 142 15.34 9.88 -16.65
N ASP B 143 15.40 11.20 -16.78
CA ASP B 143 14.23 12.06 -16.61
C ASP B 143 13.72 12.61 -17.94
N PHE B 144 12.43 12.91 -18.00
CA PHE B 144 11.81 13.46 -19.20
C PHE B 144 12.45 14.78 -19.62
N GLU B 145 12.62 15.66 -18.64
CA GLU B 145 13.12 17.01 -18.89
C GLU B 145 14.43 17.03 -19.68
N GLU B 146 15.17 15.93 -19.66
CA GLU B 146 16.51 15.93 -20.24
C GLU B 146 16.84 14.75 -21.17
N HIS B 147 16.27 13.57 -20.91
CA HIS B 147 16.86 12.33 -21.46
C HIS B 147 16.01 11.53 -22.44
N LEU B 148 14.93 12.11 -22.98
CA LEU B 148 14.14 11.38 -23.96
C LEU B 148 14.99 11.07 -25.19
N GLY B 149 16.00 11.90 -25.45
CA GLY B 149 16.90 11.69 -26.56
C GLY B 149 17.77 10.45 -26.42
N LYS B 150 17.80 9.88 -25.21
CA LYS B 150 18.63 8.71 -24.96
C LYS B 150 17.90 7.41 -25.26
N ILE B 151 16.59 7.49 -25.50
CA ILE B 151 15.84 6.31 -25.91
C ILE B 151 16.34 5.87 -27.28
N PRO B 152 16.78 4.61 -27.40
CA PRO B 152 17.30 4.13 -28.69
C PRO B 152 16.33 4.29 -29.86
N HIS B 153 16.85 4.77 -30.99
CA HIS B 153 16.10 4.81 -32.24
C HIS B 153 16.33 3.49 -32.95
N VAL B 154 15.42 2.56 -32.75
CA VAL B 154 15.58 1.20 -33.24
C VAL B 154 14.21 0.59 -33.48
N GLY B 155 14.10 -0.23 -34.52
CA GLY B 155 12.85 -0.88 -34.86
C GLY B 155 11.75 0.10 -35.20
N ARG B 156 10.51 -0.37 -35.13
CA ARG B 156 9.34 0.49 -35.22
C ARG B 156 8.75 0.55 -33.83
N ARG B 157 8.67 1.74 -33.27
CA ARG B 157 8.43 1.89 -31.84
C ARG B 157 7.03 2.39 -31.52
N LEU B 158 6.42 1.73 -30.55
CA LEU B 158 5.18 2.18 -29.95
C LEU B 158 5.50 2.76 -28.58
N VAL B 159 5.41 4.08 -28.46
CA VAL B 159 5.70 4.73 -27.18
C VAL B 159 4.41 4.87 -26.38
N VAL B 160 4.48 4.51 -25.10
CA VAL B 160 3.30 4.48 -24.24
C VAL B 160 3.47 5.40 -23.04
N PHE B 161 2.48 6.26 -22.81
CA PHE B 161 2.50 7.22 -21.72
C PHE B 161 1.11 7.26 -21.07
N LEU B 162 0.90 6.39 -20.09
CA LEU B 162 -0.44 6.13 -19.56
C LEU B 162 -0.73 6.82 -18.24
N GLY B 163 -1.95 6.61 -17.75
CA GLY B 163 -2.36 7.03 -16.42
C GLY B 163 -2.74 8.49 -16.32
N SER B 164 -2.80 9.19 -17.45
CA SER B 164 -3.00 10.64 -17.47
C SER B 164 -1.86 11.36 -16.76
N THR B 165 -0.68 10.74 -16.79
CA THR B 165 0.55 11.38 -16.31
C THR B 165 0.76 12.71 -17.01
N ILE B 166 0.38 12.76 -18.29
CA ILE B 166 0.52 13.97 -19.09
C ILE B 166 -0.25 15.13 -18.47
N GLY B 167 -1.29 14.80 -17.72
CA GLY B 167 -2.11 15.81 -17.07
C GLY B 167 -1.48 16.44 -15.83
N ASN B 168 -0.36 15.89 -15.37
CA ASN B 168 0.33 16.46 -14.22
C ASN B 168 1.28 17.58 -14.64
N LEU B 169 1.31 17.87 -15.94
CA LEU B 169 2.03 19.02 -16.47
C LEU B 169 1.07 20.14 -16.82
N THR B 170 1.42 21.37 -16.45
CA THR B 170 0.66 22.53 -16.88
C THR B 170 0.89 22.72 -18.39
N PRO B 171 0.00 23.48 -19.05
CA PRO B 171 0.00 23.54 -20.52
C PRO B 171 1.34 23.90 -21.16
N ALA B 172 2.11 24.81 -20.58
CA ALA B 172 3.38 25.22 -21.20
C ALA B 172 4.39 24.08 -21.19
N PRO B 173 4.72 23.53 -20.00
CA PRO B 173 5.66 22.40 -20.02
C PRO B 173 5.07 21.16 -20.70
N ARG B 174 3.75 21.03 -20.69
CA ARG B 174 3.10 19.90 -21.35
C ARG B 174 3.38 19.92 -22.84
N ALA B 175 3.18 21.09 -23.46
CA ALA B 175 3.43 21.24 -24.88
C ALA B 175 4.90 20.99 -25.20
N GLU B 176 5.78 21.43 -24.31
CA GLU B 176 7.22 21.22 -24.47
C GLU B 176 7.55 19.73 -24.47
N PHE B 177 6.98 19.01 -23.52
CA PHE B 177 7.17 17.57 -23.42
C PHE B 177 6.72 16.85 -24.69
N LEU B 178 5.50 17.12 -25.14
CA LEU B 178 4.98 16.44 -26.32
C LEU B 178 5.82 16.74 -27.56
N SER B 179 6.22 18.00 -27.70
CA SER B 179 7.02 18.41 -28.85
C SER B 179 8.38 17.71 -28.85
N THR B 180 9.00 17.67 -27.67
CA THR B 180 10.30 17.01 -27.51
C THR B 180 10.17 15.53 -27.82
N LEU B 181 9.14 14.90 -27.26
CA LEU B 181 8.90 13.48 -27.49
C LEU B 181 8.66 13.20 -28.97
N ALA B 182 7.84 14.04 -29.61
CA ALA B 182 7.51 13.87 -31.02
C ALA B 182 8.77 13.94 -31.88
N ASP B 183 9.71 14.79 -31.49
CA ASP B 183 10.92 15.00 -32.27
C ASP B 183 11.86 13.79 -32.22
N THR B 184 11.71 12.95 -31.19
CA THR B 184 12.52 11.75 -31.07
C THR B 184 11.92 10.58 -31.87
N LEU B 185 10.72 10.77 -32.37
CA LEU B 185 10.03 9.72 -33.13
C LEU B 185 10.33 9.82 -34.62
N GLN B 186 10.52 8.66 -35.25
CA GLN B 186 10.71 8.58 -36.69
C GLN B 186 9.36 8.30 -37.35
N PRO B 187 9.26 8.61 -38.66
CA PRO B 187 8.06 8.25 -39.41
C PRO B 187 7.66 6.80 -39.17
N GLY B 188 6.39 6.58 -38.85
CA GLY B 188 5.88 5.25 -38.63
C GLY B 188 5.79 4.86 -37.16
N ASP B 189 6.53 5.56 -36.29
CA ASP B 189 6.43 5.33 -34.85
C ASP B 189 5.08 5.84 -34.35
N SER B 190 4.65 5.34 -33.20
CA SER B 190 3.34 5.68 -32.65
C SER B 190 3.43 6.05 -31.18
N LEU B 191 2.49 6.89 -30.73
CA LEU B 191 2.35 7.27 -29.33
C LEU B 191 0.98 6.86 -28.83
N LEU B 192 0.96 6.09 -27.74
CA LEU B 192 -0.28 5.75 -27.05
C LEU B 192 -0.38 6.61 -25.80
N LEU B 193 -1.38 7.48 -25.75
CA LEU B 193 -1.52 8.48 -24.69
C LEU B 193 -2.81 8.33 -23.90
N GLY B 194 -2.70 8.19 -22.58
CA GLY B 194 -3.85 8.11 -21.71
C GLY B 194 -4.19 9.47 -21.14
N THR B 195 -5.45 9.87 -21.27
CA THR B 195 -5.92 11.18 -20.82
C THR B 195 -7.25 11.08 -20.08
N ASP B 196 -7.25 11.48 -18.80
CA ASP B 196 -8.49 11.55 -18.03
C ASP B 196 -9.34 12.69 -18.57
N LEU B 197 -10.66 12.52 -18.58
CA LEU B 197 -11.55 13.50 -19.22
C LEU B 197 -12.38 14.30 -18.23
N VAL B 198 -12.77 15.50 -18.64
CA VAL B 198 -13.68 16.31 -17.85
C VAL B 198 -14.96 15.52 -17.60
N LYS B 199 -15.49 15.66 -16.39
CA LYS B 199 -16.67 14.93 -15.97
C LYS B 199 -17.30 15.65 -14.80
N ASP B 200 -18.25 14.99 -14.12
CA ASP B 200 -18.88 15.55 -12.94
C ASP B 200 -17.82 16.04 -11.95
N THR B 201 -17.91 17.31 -11.55
CA THR B 201 -16.90 17.91 -10.70
C THR B 201 -16.86 17.25 -9.32
N GLY B 202 -18.02 16.79 -8.85
CA GLY B 202 -18.10 16.08 -7.59
C GLY B 202 -17.25 14.81 -7.62
N ARG B 203 -17.41 14.06 -8.71
CA ARG B 203 -16.64 12.83 -8.90
C ARG B 203 -15.14 13.10 -8.94
N LEU B 204 -14.77 14.19 -9.59
CA LEU B 204 -13.36 14.56 -9.72
C LEU B 204 -12.73 14.90 -8.37
N VAL B 205 -13.39 15.75 -7.60
CA VAL B 205 -12.83 16.16 -6.31
C VAL B 205 -12.70 14.96 -5.39
N ARG B 206 -13.69 14.08 -5.39
CA ARG B 206 -13.67 12.92 -4.51
C ARG B 206 -12.55 11.97 -4.90
N ALA B 207 -12.18 11.95 -6.18
CA ALA B 207 -11.11 11.11 -6.67
C ALA B 207 -9.77 11.54 -6.08
N TYR B 208 -9.69 12.80 -5.66
CA TYR B 208 -8.45 13.37 -5.13
C TYR B 208 -8.63 13.82 -3.69
N ASP B 209 -9.70 13.36 -3.06
CA ASP B 209 -9.93 13.58 -1.64
C ASP B 209 -10.88 12.48 -1.17
N ASP B 210 -10.35 11.26 -1.16
CA ASP B 210 -11.13 10.07 -0.86
C ASP B 210 -11.56 10.05 0.60
N ALA B 211 -12.64 9.33 0.87
CA ALA B 211 -13.24 9.31 2.20
C ALA B 211 -12.30 8.74 3.25
N ALA B 212 -11.37 7.87 2.84
CA ALA B 212 -10.50 7.20 3.79
C ALA B 212 -9.24 8.00 4.13
N GLY B 213 -9.05 9.13 3.48
CA GLY B 213 -7.90 9.99 3.77
C GLY B 213 -6.57 9.50 3.24
N VAL B 214 -6.62 8.56 2.30
CA VAL B 214 -5.38 8.02 1.75
C VAL B 214 -4.66 9.08 0.90
N THR B 215 -5.40 9.77 0.04
CA THR B 215 -4.81 10.83 -0.77
C THR B 215 -4.23 11.91 0.14
N ALA B 216 -4.91 12.18 1.25
CA ALA B 216 -4.42 13.17 2.22
C ALA B 216 -3.05 12.78 2.77
N ALA B 217 -2.88 11.50 3.10
CA ALA B 217 -1.60 11.00 3.60
C ALA B 217 -0.53 11.11 2.52
N PHE B 218 -0.91 10.73 1.30
CA PHE B 218 -0.06 10.83 0.12
C PHE B 218 0.44 12.26 -0.08
N ASN B 219 -0.47 13.22 0.03
CA ASN B 219 -0.12 14.62 -0.16
C ASN B 219 0.79 15.13 0.95
N ARG B 220 0.42 14.87 2.20
CA ARG B 220 1.20 15.35 3.32
C ARG B 220 2.59 14.73 3.37
N ASN B 221 2.75 13.55 2.78
CA ASN B 221 4.01 12.83 2.87
C ASN B 221 5.17 13.57 2.20
N VAL B 222 4.87 14.50 1.30
CA VAL B 222 5.93 15.29 0.68
C VAL B 222 6.62 16.16 1.74
N LEU B 223 5.87 16.51 2.79
CA LEU B 223 6.46 17.24 3.91
C LEU B 223 7.43 16.34 4.67
N ALA B 224 7.07 15.06 4.78
CA ALA B 224 7.95 14.10 5.46
C ALA B 224 9.21 13.86 4.64
N VAL B 225 9.08 13.88 3.32
CA VAL B 225 10.23 13.73 2.45
C VAL B 225 11.18 14.90 2.69
N VAL B 226 10.64 16.12 2.66
CA VAL B 226 11.45 17.31 2.85
C VAL B 226 12.05 17.34 4.26
N ASN B 227 11.27 16.93 5.25
CA ASN B 227 11.76 16.83 6.62
C ASN B 227 12.97 15.92 6.72
N ARG B 228 12.88 14.74 6.13
CA ARG B 228 13.92 13.73 6.23
C ARG B 228 15.16 14.09 5.42
N GLU B 229 14.96 14.48 4.17
CA GLU B 229 16.07 14.66 3.24
C GLU B 229 16.82 15.97 3.46
N LEU B 230 16.10 17.00 3.93
CA LEU B 230 16.71 18.32 4.12
C LEU B 230 16.65 18.79 5.58
N SER B 231 16.38 17.87 6.49
CA SER B 231 16.35 18.17 7.92
C SER B 231 15.41 19.33 8.23
N ALA B 232 14.19 19.27 7.69
CA ALA B 232 13.19 20.29 7.97
C ALA B 232 12.35 19.86 9.17
N ASP B 233 11.52 20.77 9.68
CA ASP B 233 10.66 20.47 10.81
C ASP B 233 9.20 20.82 10.54
N PHE B 234 8.70 20.40 9.38
CA PHE B 234 7.28 20.48 9.09
C PHE B 234 6.50 19.66 10.12
N ASP B 235 5.47 20.26 10.69
CA ASP B 235 4.53 19.53 11.53
C ASP B 235 3.38 19.06 10.65
N LEU B 236 3.43 17.79 10.25
CA LEU B 236 2.45 17.26 9.30
C LEU B 236 1.01 17.41 9.80
N ASP B 237 0.84 17.35 11.11
CA ASP B 237 -0.49 17.46 11.71
C ASP B 237 -1.08 18.86 11.51
N ALA B 238 -0.22 19.84 11.24
CA ALA B 238 -0.64 21.22 11.14
C ALA B 238 -1.17 21.59 9.76
N PHE B 239 -1.15 20.64 8.83
CA PHE B 239 -1.52 20.92 7.44
C PHE B 239 -2.72 20.08 6.98
N GLU B 240 -3.69 20.77 6.41
CA GLU B 240 -4.92 20.15 5.94
C GLU B 240 -4.82 19.83 4.45
N HIS B 241 -5.33 18.67 4.05
CA HIS B 241 -5.39 18.28 2.64
C HIS B 241 -6.58 18.97 1.98
N VAL B 242 -6.32 19.65 0.87
CA VAL B 242 -7.40 20.27 0.10
C VAL B 242 -7.28 19.93 -1.38
N ALA B 243 -8.37 19.44 -1.93
CA ALA B 243 -8.49 19.22 -3.36
C ALA B 243 -9.54 20.17 -3.92
N LYS B 244 -9.15 20.96 -4.92
CA LYS B 244 -10.06 21.91 -5.56
C LYS B 244 -10.23 21.59 -7.05
N TRP B 245 -11.39 21.96 -7.58
CA TRP B 245 -11.60 21.97 -9.02
C TRP B 245 -11.48 23.39 -9.54
N ASN B 246 -10.50 23.60 -10.41
CA ASN B 246 -10.30 24.88 -11.08
C ASN B 246 -11.01 24.86 -12.44
N SER B 247 -12.21 25.43 -12.51
CA SER B 247 -13.02 25.38 -13.72
C SER B 247 -12.44 26.22 -14.86
N ASP B 248 -11.64 27.23 -14.51
CA ASP B 248 -11.00 28.08 -15.52
C ASP B 248 -9.94 27.31 -16.30
N GLU B 249 -9.15 26.52 -15.59
CA GLU B 249 -8.08 25.74 -16.20
C GLU B 249 -8.53 24.29 -16.41
N GLU B 250 -9.74 23.97 -15.94
CA GLU B 250 -10.28 22.61 -15.95
C GLU B 250 -9.24 21.60 -15.46
N ARG B 251 -8.85 21.76 -14.20
CA ARG B 251 -7.89 20.87 -13.57
C ARG B 251 -8.17 20.71 -12.09
N ILE B 252 -7.92 19.51 -11.56
CA ILE B 252 -7.88 19.31 -10.12
C ILE B 252 -6.58 19.86 -9.60
N GLU B 253 -6.63 20.49 -8.42
CA GLU B 253 -5.44 20.99 -7.75
C GLU B 253 -5.40 20.45 -6.32
N MET B 254 -4.24 19.93 -5.93
CA MET B 254 -4.01 19.49 -4.56
C MET B 254 -3.23 20.55 -3.82
N TRP B 255 -3.76 20.96 -2.66
CA TRP B 255 -3.10 21.96 -1.82
C TRP B 255 -2.87 21.42 -0.41
N LEU B 256 -1.90 22.00 0.28
CA LEU B 256 -1.74 21.79 1.72
C LEU B 256 -1.96 23.11 2.42
N ARG B 257 -2.90 23.12 3.38
CA ARG B 257 -3.32 24.34 4.06
C ARG B 257 -2.95 24.30 5.53
N ALA B 258 -2.20 25.31 5.97
CA ALA B 258 -1.80 25.41 7.37
C ALA B 258 -2.98 25.77 8.25
N ARG B 259 -3.25 24.93 9.24
CA ARG B 259 -4.34 25.19 10.19
C ARG B 259 -4.10 26.48 10.94
N THR B 260 -2.85 26.68 11.35
CA THR B 260 -2.45 27.83 12.14
C THR B 260 -1.15 28.37 11.56
N ALA B 261 -0.65 29.47 12.09
CA ALA B 261 0.62 29.99 11.63
C ALA B 261 1.73 29.00 11.94
N GLN B 262 2.64 28.80 10.97
CA GLN B 262 3.73 27.85 11.12
C GLN B 262 5.06 28.49 10.73
N HIS B 263 6.08 28.21 11.53
CA HIS B 263 7.45 28.60 11.19
C HIS B 263 8.24 27.34 10.92
N VAL B 264 8.78 27.24 9.71
CA VAL B 264 9.50 26.05 9.28
C VAL B 264 10.94 26.39 8.96
N ARG B 265 11.87 25.65 9.54
CA ARG B 265 13.28 25.75 9.17
C ARG B 265 13.70 24.54 8.38
N VAL B 266 14.25 24.79 7.20
CA VAL B 266 14.85 23.74 6.39
C VAL B 266 16.36 23.88 6.58
N ALA B 267 16.90 23.12 7.53
CA ALA B 267 18.28 23.31 7.99
C ALA B 267 19.31 23.13 6.88
N ALA B 268 19.10 22.12 6.03
CA ALA B 268 20.06 21.82 4.97
C ALA B 268 20.17 22.96 3.97
N LEU B 269 19.18 23.85 3.96
CA LEU B 269 19.18 25.01 3.09
C LEU B 269 19.49 26.30 3.85
N ASP B 270 19.62 26.18 5.18
CA ASP B 270 19.78 27.35 6.04
C ASP B 270 18.64 28.32 5.76
N LEU B 271 17.46 27.74 5.53
CA LEU B 271 16.29 28.48 5.10
C LEU B 271 15.24 28.47 6.18
N GLU B 272 14.56 29.59 6.37
CA GLU B 272 13.44 29.67 7.30
C GLU B 272 12.26 30.32 6.61
N VAL B 273 11.10 29.70 6.76
CA VAL B 273 9.91 30.05 6.01
C VAL B 273 8.71 30.15 6.95
N ASP B 274 7.78 31.05 6.62
CA ASP B 274 6.58 31.24 7.43
C ASP B 274 5.31 30.99 6.64
N PHE B 275 4.39 30.25 7.27
CA PHE B 275 3.04 30.06 6.74
C PHE B 275 2.06 30.85 7.59
N ALA B 276 1.28 31.72 6.96
CA ALA B 276 0.17 32.36 7.66
C ALA B 276 -0.91 31.32 7.92
N ALA B 277 -1.75 31.54 8.91
CA ALA B 277 -2.88 30.65 9.17
C ALA B 277 -3.81 30.66 7.96
N GLY B 278 -4.13 29.48 7.44
CA GLY B 278 -4.98 29.37 6.28
C GLY B 278 -4.21 29.50 4.98
N GLU B 279 -2.90 29.68 5.06
CA GLU B 279 -2.08 29.79 3.85
C GLU B 279 -1.98 28.44 3.17
N GLU B 280 -2.10 28.45 1.84
CA GLU B 280 -2.13 27.22 1.06
C GLU B 280 -0.92 27.09 0.15
N MET B 281 -0.44 25.86 0.03
CA MET B 281 0.72 25.54 -0.79
C MET B 281 0.33 24.52 -1.85
N LEU B 282 0.61 24.85 -3.11
CA LEU B 282 0.24 23.98 -4.24
C LEU B 282 1.23 22.83 -4.42
N THR B 283 0.74 21.61 -4.38
CA THR B 283 1.59 20.42 -4.48
C THR B 283 1.38 19.61 -5.75
N GLU B 284 0.25 19.82 -6.43
CA GLU B 284 -0.03 19.08 -7.66
C GLU B 284 -1.20 19.66 -8.45
N VAL B 285 -1.11 19.54 -9.77
CA VAL B 285 -2.25 19.79 -10.65
C VAL B 285 -2.53 18.50 -11.42
N SER B 286 -3.80 18.28 -11.75
CA SER B 286 -4.20 17.12 -12.52
C SER B 286 -5.20 17.57 -13.57
N CYS B 287 -4.69 17.99 -14.72
CA CYS B 287 -5.53 18.56 -15.77
C CYS B 287 -6.44 17.51 -16.37
N LYS B 288 -7.68 17.89 -16.63
CA LYS B 288 -8.65 17.00 -17.24
C LYS B 288 -8.97 17.52 -18.63
N PHE B 289 -9.12 16.59 -19.57
CA PHE B 289 -9.12 16.94 -20.98
C PHE B 289 -10.48 16.80 -21.65
N ARG B 290 -10.63 17.53 -22.75
CA ARG B 290 -11.74 17.34 -23.68
C ARG B 290 -11.20 16.66 -24.93
N PRO B 291 -11.97 15.72 -25.50
CA PRO B 291 -11.50 14.93 -26.66
C PRO B 291 -10.91 15.78 -27.78
N GLU B 292 -11.57 16.88 -28.12
CA GLU B 292 -11.17 17.71 -29.24
C GLU B 292 -9.83 18.42 -28.99
N ASN B 293 -9.53 18.70 -27.73
CA ASN B 293 -8.29 19.37 -27.37
C ASN B 293 -7.10 18.41 -27.35
N VAL B 294 -7.36 17.14 -27.06
CA VAL B 294 -6.32 16.13 -27.10
C VAL B 294 -5.78 15.99 -28.52
N VAL B 295 -6.68 15.99 -29.51
CA VAL B 295 -6.27 15.89 -30.92
C VAL B 295 -5.41 17.08 -31.31
N ALA B 296 -5.84 18.26 -30.88
CA ALA B 296 -5.16 19.51 -31.22
C ALA B 296 -3.77 19.61 -30.58
N GLU B 297 -3.66 19.20 -29.30
CA GLU B 297 -2.36 19.26 -28.61
C GLU B 297 -1.38 18.30 -29.28
N LEU B 298 -1.86 17.13 -29.66
CA LEU B 298 -1.03 16.18 -30.39
C LEU B 298 -0.61 16.76 -31.74
N ALA B 299 -1.57 17.34 -32.46
CA ALA B 299 -1.30 17.93 -33.77
C ALA B 299 -0.24 19.02 -33.66
N GLU B 300 -0.37 19.88 -32.67
CA GLU B 300 0.58 20.95 -32.44
C GLU B 300 1.99 20.42 -32.19
N ALA B 301 2.08 19.19 -31.69
CA ALA B 301 3.36 18.57 -31.40
C ALA B 301 3.92 17.82 -32.60
N GLY B 302 3.11 17.69 -33.65
CA GLY B 302 3.53 17.00 -34.85
C GLY B 302 3.09 15.54 -34.88
N LEU B 303 2.01 15.23 -34.15
CA LEU B 303 1.47 13.88 -34.11
C LEU B 303 0.02 13.89 -34.57
N ARG B 304 -0.34 12.92 -35.40
CA ARG B 304 -1.69 12.81 -35.92
C ARG B 304 -2.45 11.67 -35.25
N GLN B 305 -3.53 12.01 -34.55
CA GLN B 305 -4.34 10.98 -33.90
C GLN B 305 -5.00 10.11 -34.95
N THR B 306 -4.81 8.80 -34.85
CA THR B 306 -5.41 7.85 -35.78
C THR B 306 -6.52 7.04 -35.11
N HIS B 307 -6.45 6.90 -33.79
CA HIS B 307 -7.47 6.19 -33.05
C HIS B 307 -7.74 6.84 -31.69
N TRP B 308 -9.00 6.76 -31.28
CA TRP B 308 -9.47 7.30 -30.02
C TRP B 308 -10.47 6.33 -29.42
N TRP B 309 -10.22 5.88 -28.20
CA TRP B 309 -11.11 4.98 -27.49
C TRP B 309 -11.38 5.47 -26.08
N THR B 310 -12.65 5.45 -25.69
CA THR B 310 -13.04 5.67 -24.30
C THR B 310 -13.63 4.39 -23.72
N ASP B 311 -13.83 4.40 -22.41
CA ASP B 311 -14.65 3.41 -21.73
C ASP B 311 -16.11 3.72 -22.05
N PRO B 312 -17.04 2.80 -21.74
CA PRO B 312 -18.45 2.99 -22.08
C PRO B 312 -19.09 4.22 -21.43
N ALA B 313 -18.53 4.69 -20.31
CA ALA B 313 -19.08 5.84 -19.61
C ALA B 313 -18.46 7.15 -20.10
N GLY B 314 -17.44 7.05 -20.93
CA GLY B 314 -16.74 8.23 -21.42
C GLY B 314 -15.93 8.93 -20.33
N ASP B 315 -15.44 8.15 -19.37
CA ASP B 315 -14.69 8.70 -18.23
C ASP B 315 -13.21 8.99 -18.54
N PHE B 316 -12.66 8.21 -19.47
CA PHE B 316 -11.22 8.21 -19.73
C PHE B 316 -10.96 7.90 -21.20
N GLY B 317 -9.90 8.48 -21.75
CA GLY B 317 -9.59 8.34 -23.17
C GLY B 317 -8.20 7.83 -23.45
N LEU B 318 -8.10 6.98 -24.46
CA LEU B 318 -6.81 6.55 -24.97
C LEU B 318 -6.65 7.00 -26.41
N SER B 319 -5.54 7.66 -26.69
CA SER B 319 -5.22 8.10 -28.05
CA SER B 319 -5.23 8.10 -28.05
C SER B 319 -4.04 7.33 -28.64
N LEU B 320 -4.19 6.92 -29.89
CA LEU B 320 -3.05 6.42 -30.66
C LEU B 320 -2.77 7.46 -31.74
N ALA B 321 -1.54 7.95 -31.78
CA ALA B 321 -1.13 8.97 -32.74
C ALA B 321 0.17 8.57 -33.41
N VAL B 322 0.32 8.96 -34.68
CA VAL B 322 1.49 8.57 -35.46
C VAL B 322 2.33 9.75 -35.85
N ARG B 323 3.63 9.47 -36.00
CA ARG B 323 4.58 10.45 -36.48
C ARG B 323 4.68 10.40 -38.00
CAG AVO C . -1.78 -6.16 13.98
CAE AVO C . -1.72 -7.71 13.85
CAF AVO C . -0.29 -8.01 14.29
CAH AVO C . 0.05 -6.83 15.25
N AVO C . -0.95 -5.84 15.10
CA AVO C . -0.35 -4.55 14.93
C AVO C . 0.47 -4.19 16.16
OXT AVO C . -0.07 -4.13 17.29
O AVO C . 1.71 -3.96 16.03
CB AVO C . -1.40 -3.48 14.73
CG AVO C . -0.78 -2.13 14.53
CD2 AVO C . 0.37 -1.83 13.85
NE2 AVO C . 0.56 -0.48 13.89
CE1 AVO C . -0.47 0.07 14.58
ND1 AVO C . -1.30 -0.95 14.97
HE4 AVO C . -1.43 -5.73 13.16
HAG AVO C . -2.70 -5.86 14.14
HAE AVO C . -2.38 -8.13 14.46
HE2 AVO C . -1.87 -7.99 12.90
HE3 AVO C . -0.25 -8.86 14.75
HAF AVO C . 0.30 -8.01 13.53
HAH AVO C . 0.93 -6.45 15.02
HE5 AVO C . 0.05 -7.15 16.18
H AVO C . -1.47 -5.82 15.85
HA AVO C . 0.24 -4.57 14.13
HB2 AVO C . -1.98 -3.43 15.53
HB1 AVO C . -1.95 -3.69 13.94
HD2 AVO C . 0.95 -2.47 13.41
HE1 AVO C . -0.59 1.02 14.77
HD1 AVO C . -2.07 -0.86 15.45
CAG AVO D . 0.24 10.18 -11.19
CAE AVO D . 0.82 9.52 -12.47
CAF AVO D . -0.43 9.23 -13.28
CAH AVO D . -1.48 10.26 -12.76
N AVO D . -0.94 10.87 -11.60
CA AVO D . -1.92 10.88 -10.56
C AVO D . -3.14 11.67 -11.03
OXT AVO D . -4.29 11.16 -10.98
O AVO D . -3.02 12.85 -11.46
CB AVO D . -1.36 11.51 -9.29
CG AVO D . -2.38 11.52 -8.19
CD2 AVO D . -3.27 10.53 -7.89
NE2 AVO D . -4.01 10.92 -6.81
CE1 AVO D . -3.57 12.17 -6.44
ND1 AVO D . -2.56 12.52 -7.30
HE4 AVO D . 0.90 10.81 -10.81
HAG AVO D . 0.02 9.49 -10.53
HAE AVO D . 1.31 8.67 -12.24
HE2 AVO D . 1.41 10.15 -12.95
HE3 AVO D . -0.74 8.31 -13.11
HAF AVO D . -0.26 9.37 -14.22
HAH AVO D . -1.64 10.93 -13.45
HE5 AVO D . -2.31 9.80 -12.53
H AVO D . -0.72 11.74 -11.81
HA AVO D . -2.20 9.95 -10.37
HB2 AVO D . -0.58 10.98 -9.00
HB1 AVO D . -1.08 12.43 -9.47
HD2 AVO D . -3.37 9.68 -8.36
HE1 AVO D . -3.92 12.69 -5.70
HD1 AVO D . -2.09 13.31 -7.27
#